data_9KVA
#
_entry.id   9KVA
#
_cell.length_a   187.990
_cell.length_b   104.310
_cell.length_c   44.810
_cell.angle_alpha   90.00
_cell.angle_beta   91.59
_cell.angle_gamma   90.00
#
_symmetry.space_group_name_H-M   'C 1 2 1'
#
loop_
_entity.id
_entity.type
_entity.pdbx_description
1 polymer 'Putative crotonyl-CoA reductase'
2 non-polymer 'HEXAETHYLENE GLYCOL'
3 non-polymer DI(HYDROXYETHYL)ETHER
4 non-polymer '4-(2-HYDROXYETHYL)-1-PIPERAZINE ETHANESULFONIC ACID'
5 non-polymer 'SODIUM ION'
6 non-polymer 2-AMINO-2-HYDROXYMETHYL-PROPANE-1,3-DIOL
7 water water
#
_entity_poly.entity_id   1
_entity_poly.type   'polypeptide(L)'
_entity_poly.pdbx_seq_one_letter_code
;DSVPIGSLPPVGEVPNRMFAQVVRSNRLGDPIDAFQIEQVDVPKPGEGEVLVAVMAAGLNFNNVWAARGVPIDVIAARKA
QGSPYDFHIGGSDASGIVYAVGAGVKHVQVGDYVVVHPGYWDPKAPDVVSVRDPMFSASAQIWGYNTNFGSFGQFCLAYE
HQILPKAKHLTWEEAAAPTLVGTTAYRMLHGWTGHTVEKDDVVLVWGGSGGLGSQAIQIAREAGGIPIAVVSDAAKGEYC
KSLGAKGYIDRREFNHWGQPPHWTDDAGQKVWTAQARAFGKKIWDILGERRNPRIVLEHPGEDTIPTSIFCCDTGGMVVI
CAGTTGYSAVVDLRYHWVRQKRLQGSHGTNTEQARAYNDLVYSGRIDPCLGEVRSFLDVGKAHQDMMEGKLAHGNTCILV
GAAAKSLGKQ
;
_entity_poly.pdbx_strand_id   A,B
#
# COMPACT_ATOMS: atom_id res chain seq x y z
N ASP A 1 -0.93 -46.30 -25.93
CA ASP A 1 -2.15 -45.48 -26.25
C ASP A 1 -2.46 -44.56 -25.06
N SER A 2 -3.09 -45.10 -24.02
CA SER A 2 -3.29 -44.43 -22.73
C SER A 2 -3.37 -45.54 -21.69
N VAL A 3 -3.17 -45.21 -20.43
CA VAL A 3 -3.26 -46.12 -19.32
C VAL A 3 -4.37 -45.70 -18.37
N PRO A 4 -4.92 -46.63 -17.55
CA PRO A 4 -5.99 -46.27 -16.61
C PRO A 4 -5.57 -45.25 -15.57
N ILE A 5 -6.54 -44.47 -15.14
CA ILE A 5 -6.39 -43.64 -13.95
C ILE A 5 -6.04 -44.59 -12.80
N GLY A 6 -5.08 -44.17 -11.98
CA GLY A 6 -4.62 -44.92 -10.82
C GLY A 6 -3.44 -45.84 -11.17
N SER A 7 -2.96 -45.69 -12.40
CA SER A 7 -1.80 -46.44 -12.87
C SER A 7 -0.92 -45.54 -13.73
N LEU A 8 0.32 -45.98 -13.92
CA LEU A 8 1.27 -45.32 -14.78
C LEU A 8 2.07 -46.33 -15.57
N PRO A 9 2.62 -45.94 -16.75
CA PRO A 9 3.65 -46.73 -17.42
C PRO A 9 4.90 -46.75 -16.57
N PRO A 10 5.91 -47.57 -16.91
CA PRO A 10 7.21 -47.43 -16.30
C PRO A 10 7.70 -46.01 -16.35
N VAL A 11 8.52 -45.65 -15.37
CA VAL A 11 8.95 -44.27 -15.26
C VAL A 11 9.69 -43.91 -16.54
N GLY A 12 9.33 -42.74 -17.09
CA GLY A 12 9.97 -42.20 -18.27
C GLY A 12 9.31 -42.66 -19.58
N GLU A 13 8.32 -43.56 -19.52
CA GLU A 13 7.63 -43.97 -20.73
C GLU A 13 6.34 -43.18 -20.81
N VAL A 14 6.23 -42.32 -21.80
CA VAL A 14 5.08 -41.44 -21.88
C VAL A 14 4.10 -41.93 -22.94
N PRO A 15 2.83 -42.20 -22.60
CA PRO A 15 1.85 -42.59 -23.61
C PRO A 15 1.52 -41.44 -24.54
N ASN A 16 0.90 -41.76 -25.66
CA ASN A 16 0.50 -40.76 -26.63
C ASN A 16 -0.68 -39.95 -26.11
N ARG A 17 -1.57 -40.58 -25.33
CA ARG A 17 -2.80 -39.92 -24.88
C ARG A 17 -2.97 -40.11 -23.39
N MET A 18 -3.80 -39.24 -22.80
CA MET A 18 -4.09 -39.28 -21.40
C MET A 18 -5.54 -38.87 -21.14
N PHE A 19 -6.03 -39.36 -20.01
CA PHE A 19 -7.30 -38.92 -19.47
C PHE A 19 -7.08 -37.60 -18.75
N ALA A 20 -8.12 -36.75 -18.82
CA ALA A 20 -8.10 -35.49 -18.10
C ALA A 20 -9.54 -35.10 -17.82
N GLN A 21 -9.72 -34.33 -16.72
CA GLN A 21 -11.00 -33.67 -16.48
C GLN A 21 -10.94 -32.29 -17.16
N VAL A 22 -11.73 -32.15 -18.23
CA VAL A 22 -11.60 -31.06 -19.20
C VAL A 22 -12.84 -30.19 -19.18
N VAL A 23 -12.61 -28.87 -19.34
CA VAL A 23 -13.68 -27.94 -19.67
C VAL A 23 -13.59 -27.55 -21.15
N ARG A 24 -14.75 -27.34 -21.80
CA ARG A 24 -14.80 -26.77 -23.14
C ARG A 24 -15.74 -25.59 -23.12
N SER A 25 -15.57 -24.68 -24.08
CA SER A 25 -16.35 -23.45 -24.12
C SER A 25 -17.84 -23.70 -24.32
N ASN A 26 -18.22 -24.77 -25.02
CA ASN A 26 -19.62 -25.10 -25.27
C ASN A 26 -20.30 -25.69 -24.03
N ARG A 27 -19.55 -25.92 -22.93
CA ARG A 27 -20.19 -26.46 -21.73
C ARG A 27 -19.85 -25.68 -20.46
N LEU A 28 -19.43 -24.42 -20.60
CA LEU A 28 -19.22 -23.56 -19.46
C LEU A 28 -20.51 -23.48 -18.66
N GLY A 29 -20.34 -23.44 -17.34
CA GLY A 29 -21.41 -23.39 -16.38
C GLY A 29 -20.97 -24.00 -15.07
N ASP A 30 -21.92 -24.60 -14.37
CA ASP A 30 -21.60 -25.20 -13.10
C ASP A 30 -20.59 -26.33 -13.27
N PRO A 31 -19.65 -26.48 -12.31
CA PRO A 31 -18.61 -27.51 -12.43
C PRO A 31 -19.14 -28.90 -12.76
N ILE A 32 -20.31 -29.27 -12.21
CA ILE A 32 -20.83 -30.62 -12.39
C ILE A 32 -21.03 -30.89 -13.89
N ASP A 33 -21.38 -29.86 -14.65
CA ASP A 33 -21.62 -29.93 -16.10
C ASP A 33 -20.36 -29.62 -16.90
N ALA A 34 -19.54 -28.67 -16.41
CA ALA A 34 -18.46 -28.15 -17.22
C ALA A 34 -17.29 -29.11 -17.32
N PHE A 35 -16.99 -29.83 -16.25
CA PHE A 35 -15.91 -30.81 -16.27
C PHE A 35 -16.45 -32.13 -16.79
N GLN A 36 -15.76 -32.69 -17.79
CA GLN A 36 -16.05 -34.04 -18.26
C GLN A 36 -14.73 -34.72 -18.56
N ILE A 37 -14.70 -36.05 -18.40
CA ILE A 37 -13.50 -36.81 -18.70
C ILE A 37 -13.37 -36.99 -20.20
N GLU A 38 -12.18 -36.66 -20.70
CA GLU A 38 -11.82 -36.91 -22.11
C GLU A 38 -10.40 -37.46 -22.16
N GLN A 39 -10.07 -38.05 -23.33
CA GLN A 39 -8.69 -38.30 -23.69
C GLN A 39 -8.18 -37.19 -24.59
N VAL A 40 -6.96 -36.79 -24.33
CA VAL A 40 -6.31 -35.74 -25.10
C VAL A 40 -4.87 -36.20 -25.35
N ASP A 41 -4.23 -35.63 -26.33
CA ASP A 41 -2.83 -35.88 -26.58
C ASP A 41 -1.98 -35.38 -25.43
N VAL A 42 -1.02 -36.19 -25.02
CA VAL A 42 -0.06 -35.76 -24.02
C VAL A 42 0.85 -34.72 -24.66
N PRO A 43 1.03 -33.53 -24.05
CA PRO A 43 1.88 -32.54 -24.69
C PRO A 43 3.34 -32.98 -24.63
N LYS A 44 4.11 -32.52 -25.62
CA LYS A 44 5.54 -32.68 -25.68
C LYS A 44 6.25 -31.51 -25.00
N PRO A 45 7.08 -31.72 -23.96
CA PRO A 45 7.72 -30.59 -23.28
C PRO A 45 8.69 -29.90 -24.23
N GLY A 46 8.53 -28.57 -24.28
CA GLY A 46 9.39 -27.69 -25.03
C GLY A 46 10.57 -27.24 -24.19
N GLU A 47 11.32 -26.25 -24.70
CA GLU A 47 12.47 -25.70 -24.01
C GLU A 47 12.05 -25.28 -22.60
N GLY A 48 12.79 -25.79 -21.62
CA GLY A 48 12.65 -25.42 -20.23
C GLY A 48 11.47 -26.07 -19.51
N GLU A 49 10.70 -26.95 -20.21
CA GLU A 49 9.49 -27.50 -19.65
C GLU A 49 9.70 -28.92 -19.07
N VAL A 50 8.83 -29.27 -18.14
CA VAL A 50 8.88 -30.52 -17.40
C VAL A 50 7.49 -31.13 -17.46
N LEU A 51 7.43 -32.42 -17.84
CA LEU A 51 6.20 -33.21 -17.87
C LEU A 51 6.15 -34.06 -16.59
N VAL A 52 5.13 -33.83 -15.75
CA VAL A 52 4.97 -34.48 -14.46
C VAL A 52 3.79 -35.44 -14.53
N ALA A 53 4.01 -36.74 -14.22
CA ALA A 53 2.90 -37.65 -14.00
C ALA A 53 2.26 -37.29 -12.66
N VAL A 54 0.98 -36.95 -12.72
CA VAL A 54 0.28 -36.44 -11.54
C VAL A 54 -0.14 -37.64 -10.69
N MET A 55 0.34 -37.66 -9.45
CA MET A 55 -0.09 -38.67 -8.50
C MET A 55 -1.33 -38.23 -7.72
N ALA A 56 -1.36 -36.94 -7.32
CA ALA A 56 -2.54 -36.37 -6.70
C ALA A 56 -2.57 -34.90 -7.10
N ALA A 57 -3.77 -34.35 -7.04
CA ALA A 57 -4.02 -32.96 -7.45
C ALA A 57 -4.81 -32.26 -6.36
N GLY A 58 -4.47 -30.99 -6.10
CA GLY A 58 -5.23 -30.20 -5.19
C GLY A 58 -6.34 -29.47 -5.92
N LEU A 59 -7.44 -29.20 -5.19
CA LEU A 59 -8.55 -28.48 -5.75
C LEU A 59 -8.48 -27.02 -5.31
N ASN A 60 -9.09 -26.13 -6.10
CA ASN A 60 -9.11 -24.73 -5.74
C ASN A 60 -10.34 -24.08 -6.36
N PHE A 61 -10.75 -22.95 -5.74
CA PHE A 61 -11.88 -22.21 -6.25
C PHE A 61 -11.64 -21.65 -7.65
N ASN A 62 -10.36 -21.46 -8.05
CA ASN A 62 -10.07 -20.92 -9.38
C ASN A 62 -10.68 -21.84 -10.45
N ASN A 63 -10.87 -23.14 -10.13
CA ASN A 63 -11.46 -24.07 -11.06
C ASN A 63 -12.95 -23.87 -11.23
N VAL A 64 -13.61 -23.34 -10.19
CA VAL A 64 -15.00 -22.97 -10.31
C VAL A 64 -15.11 -21.77 -11.27
N TRP A 65 -14.19 -20.81 -11.14
CA TRP A 65 -14.17 -19.67 -12.06
C TRP A 65 -13.94 -20.12 -13.50
N ALA A 66 -12.99 -21.02 -13.72
CA ALA A 66 -12.73 -21.54 -15.06
C ALA A 66 -13.97 -22.27 -15.59
N ALA A 67 -14.60 -23.12 -14.76
CA ALA A 67 -15.79 -23.83 -15.19
C ALA A 67 -16.89 -22.88 -15.67
N ARG A 68 -17.06 -21.77 -14.94
CA ARG A 68 -18.09 -20.78 -15.24
C ARG A 68 -17.71 -19.83 -16.40
N GLY A 69 -16.42 -19.67 -16.65
CA GLY A 69 -15.94 -18.69 -17.62
C GLY A 69 -15.97 -17.27 -17.06
N VAL A 70 -15.68 -17.12 -15.76
CA VAL A 70 -15.65 -15.83 -15.10
C VAL A 70 -14.23 -15.53 -14.61
N PRO A 71 -13.68 -14.33 -14.79
CA PRO A 71 -14.37 -13.20 -15.42
C PRO A 71 -14.44 -13.33 -16.94
N ILE A 72 -13.61 -14.25 -17.49
CA ILE A 72 -13.62 -14.55 -18.91
C ILE A 72 -13.44 -16.04 -19.05
N ASP A 73 -13.74 -16.53 -20.24
CA ASP A 73 -13.43 -17.92 -20.58
C ASP A 73 -11.94 -18.05 -20.84
N VAL A 74 -11.24 -18.89 -20.06
CA VAL A 74 -9.79 -19.03 -20.23
C VAL A 74 -9.42 -19.64 -21.58
N ILE A 75 -10.32 -20.45 -22.14
CA ILE A 75 -10.04 -21.11 -23.43
C ILE A 75 -10.01 -20.05 -24.54
N ALA A 76 -11.07 -19.22 -24.61
CA ALA A 76 -11.18 -18.18 -25.62
C ALA A 76 -10.05 -17.18 -25.47
N ALA A 77 -9.70 -16.88 -24.22
CA ALA A 77 -8.66 -15.92 -23.92
C ALA A 77 -7.30 -16.39 -24.42
N ARG A 78 -7.00 -17.67 -24.17
CA ARG A 78 -5.74 -18.22 -24.69
C ARG A 78 -5.73 -18.34 -26.20
N LYS A 79 -6.88 -18.66 -26.79
CA LYS A 79 -6.95 -18.72 -28.25
C LYS A 79 -6.63 -17.36 -28.87
N ALA A 80 -7.03 -16.27 -28.20
CA ALA A 80 -6.72 -14.93 -28.69
C ALA A 80 -5.22 -14.63 -28.60
N GLN A 81 -4.49 -15.32 -27.72
CA GLN A 81 -3.04 -15.17 -27.57
C GLN A 81 -2.26 -16.20 -28.41
N GLY A 82 -2.95 -16.97 -29.25
CA GLY A 82 -2.27 -17.88 -30.16
C GLY A 82 -2.44 -19.36 -29.82
N SER A 83 -3.13 -19.71 -28.72
CA SER A 83 -3.26 -21.11 -28.35
C SER A 83 -4.07 -21.89 -29.38
N PRO A 84 -3.67 -23.14 -29.70
CA PRO A 84 -4.52 -24.01 -30.53
C PRO A 84 -5.61 -24.81 -29.85
N TYR A 85 -5.57 -24.84 -28.51
CA TYR A 85 -6.39 -25.81 -27.81
C TYR A 85 -7.81 -25.29 -27.61
N ASP A 86 -8.77 -26.20 -27.84
CA ASP A 86 -10.19 -25.97 -27.61
C ASP A 86 -10.68 -26.58 -26.31
N PHE A 87 -9.75 -26.89 -25.41
CA PHE A 87 -10.11 -27.46 -24.13
C PHE A 87 -9.22 -26.80 -23.08
N HIS A 88 -9.66 -26.89 -21.82
CA HIS A 88 -8.90 -26.45 -20.67
C HIS A 88 -8.75 -27.59 -19.67
N ILE A 89 -7.50 -27.89 -19.33
CA ILE A 89 -7.18 -28.82 -18.24
C ILE A 89 -6.65 -28.00 -17.07
N GLY A 90 -7.51 -27.81 -16.06
CA GLY A 90 -7.16 -27.03 -14.89
C GLY A 90 -6.40 -27.84 -13.86
N GLY A 91 -6.40 -27.31 -12.64
CA GLY A 91 -5.68 -27.86 -11.50
C GLY A 91 -4.33 -27.17 -11.31
N SER A 92 -4.23 -26.45 -10.17
CA SER A 92 -3.08 -25.61 -9.90
C SER A 92 -2.19 -26.14 -8.80
N ASP A 93 -2.43 -27.38 -8.37
CA ASP A 93 -1.63 -28.04 -7.36
C ASP A 93 -1.43 -29.50 -7.76
N ALA A 94 -0.18 -29.97 -7.67
CA ALA A 94 0.12 -31.37 -7.99
C ALA A 94 1.28 -31.88 -7.17
N SER A 95 1.22 -33.18 -6.86
CA SER A 95 2.39 -33.94 -6.49
C SER A 95 2.50 -35.05 -7.52
N GLY A 96 3.75 -35.43 -7.84
CA GLY A 96 3.92 -36.49 -8.81
C GLY A 96 5.38 -36.80 -9.10
N ILE A 97 5.58 -37.41 -10.29
CA ILE A 97 6.86 -37.97 -10.69
C ILE A 97 7.19 -37.38 -12.04
N VAL A 98 8.39 -36.81 -12.17
CA VAL A 98 8.81 -36.32 -13.47
C VAL A 98 8.93 -37.48 -14.47
N TYR A 99 8.25 -37.35 -15.62
CA TYR A 99 8.27 -38.35 -16.67
C TYR A 99 9.04 -37.93 -17.91
N ALA A 100 9.22 -36.61 -18.15
CA ALA A 100 9.97 -36.15 -19.30
C ALA A 100 10.43 -34.73 -19.04
N VAL A 101 11.52 -34.34 -19.69
CA VAL A 101 12.07 -33.01 -19.60
C VAL A 101 12.41 -32.53 -21.00
N GLY A 102 12.13 -31.24 -21.26
CA GLY A 102 12.49 -30.64 -22.51
C GLY A 102 13.96 -30.21 -22.53
N ALA A 103 14.32 -29.61 -23.67
CA ALA A 103 15.65 -29.06 -23.89
C ALA A 103 15.94 -28.01 -22.82
N GLY A 104 17.20 -27.97 -22.38
CA GLY A 104 17.64 -26.87 -21.52
C GLY A 104 17.19 -27.01 -20.07
N VAL A 105 16.65 -28.15 -19.67
CA VAL A 105 16.31 -28.33 -18.27
C VAL A 105 17.55 -28.78 -17.51
N LYS A 106 17.89 -28.05 -16.45
CA LYS A 106 19.22 -28.08 -15.88
C LYS A 106 19.33 -29.07 -14.74
N HIS A 107 18.33 -29.11 -13.85
CA HIS A 107 18.47 -29.77 -12.57
C HIS A 107 17.43 -30.89 -12.40
N VAL A 108 16.23 -30.69 -12.86
CA VAL A 108 15.15 -31.64 -12.67
C VAL A 108 15.37 -32.82 -13.61
N GLN A 109 15.13 -34.02 -13.08
CA GLN A 109 15.31 -35.23 -13.86
C GLN A 109 14.09 -36.12 -13.85
N VAL A 110 14.05 -37.00 -14.85
CA VAL A 110 13.04 -38.05 -14.89
C VAL A 110 13.21 -38.88 -13.62
N GLY A 111 12.06 -39.18 -12.99
CA GLY A 111 11.99 -39.98 -11.79
C GLY A 111 11.87 -39.17 -10.51
N ASP A 112 12.16 -37.85 -10.59
CA ASP A 112 12.11 -37.02 -9.39
C ASP A 112 10.68 -36.94 -8.83
N TYR A 113 10.58 -37.04 -7.51
CA TYR A 113 9.34 -36.85 -6.77
C TYR A 113 9.19 -35.37 -6.42
N VAL A 114 8.10 -34.77 -6.93
CA VAL A 114 8.02 -33.30 -6.98
C VAL A 114 6.62 -32.83 -6.59
N VAL A 115 6.58 -31.54 -6.28
CA VAL A 115 5.36 -30.74 -6.24
C VAL A 115 5.57 -29.52 -7.13
N VAL A 116 4.47 -28.86 -7.53
CA VAL A 116 4.58 -27.79 -8.51
C VAL A 116 4.10 -26.48 -7.88
N HIS A 117 4.90 -25.41 -7.98
CA HIS A 117 4.45 -24.10 -7.49
C HIS A 117 3.75 -23.40 -8.63
N PRO A 118 2.85 -22.43 -8.30
CA PRO A 118 1.92 -21.87 -9.27
C PRO A 118 2.40 -20.66 -10.05
N GLY A 119 3.60 -20.20 -9.72
CA GLY A 119 4.12 -18.99 -10.33
C GLY A 119 4.67 -19.28 -11.72
N TYR A 120 3.87 -18.95 -12.71
CA TYR A 120 4.18 -19.24 -14.08
C TYR A 120 4.51 -17.96 -14.85
N TRP A 121 5.62 -17.99 -15.59
CA TRP A 121 6.03 -16.95 -16.50
C TRP A 121 7.00 -17.57 -17.50
N ASP A 122 7.25 -16.83 -18.57
CA ASP A 122 8.15 -17.26 -19.63
C ASP A 122 9.58 -17.01 -19.18
N PRO A 123 10.37 -18.06 -18.86
CA PRO A 123 11.72 -17.86 -18.38
C PRO A 123 12.67 -17.17 -19.37
N LYS A 124 12.27 -17.06 -20.65
CA LYS A 124 13.10 -16.46 -21.68
C LYS A 124 12.55 -15.09 -22.09
N ALA A 125 11.58 -14.54 -21.37
CA ALA A 125 11.15 -13.17 -21.66
C ALA A 125 12.19 -12.16 -21.15
N PRO A 126 12.49 -11.03 -21.82
CA PRO A 126 13.42 -10.03 -21.28
C PRO A 126 13.12 -9.52 -19.87
N ASP A 127 11.83 -9.32 -19.63
CA ASP A 127 11.42 -8.65 -18.43
C ASP A 127 11.64 -9.59 -17.25
N VAL A 128 11.75 -10.90 -17.53
CA VAL A 128 11.94 -11.88 -16.47
C VAL A 128 13.41 -11.78 -16.05
N VAL A 129 14.19 -10.99 -16.80
CA VAL A 129 15.54 -10.55 -16.45
C VAL A 129 15.54 -9.14 -15.84
N SER A 130 14.64 -8.23 -16.25
CA SER A 130 14.79 -6.79 -15.98
C SER A 130 13.68 -6.19 -15.09
N VAL A 131 12.52 -6.87 -14.98
CA VAL A 131 11.52 -6.53 -13.97
C VAL A 131 12.10 -6.85 -12.58
N ARG A 132 11.48 -6.32 -11.53
CA ARG A 132 12.05 -6.40 -10.19
C ARG A 132 11.82 -7.76 -9.56
N ASP A 133 10.93 -8.51 -10.18
CA ASP A 133 10.40 -9.74 -9.66
C ASP A 133 9.71 -10.41 -10.84
N PRO A 134 9.91 -11.73 -11.13
CA PRO A 134 9.26 -12.33 -12.29
C PRO A 134 7.74 -12.30 -12.26
N MET A 135 7.13 -12.22 -11.07
CA MET A 135 5.67 -12.12 -11.03
C MET A 135 5.14 -10.75 -11.48
N PHE A 136 6.03 -9.80 -11.78
CA PHE A 136 5.63 -8.53 -12.37
C PHE A 136 5.78 -8.55 -13.88
N SER A 137 6.29 -9.66 -14.45
CA SER A 137 6.49 -9.70 -15.88
C SER A 137 5.16 -9.75 -16.63
N ALA A 138 5.21 -9.42 -17.93
CA ALA A 138 4.02 -9.43 -18.77
C ALA A 138 3.42 -10.83 -18.87
N SER A 139 4.25 -11.88 -18.73
CA SER A 139 3.82 -13.26 -18.90
C SER A 139 3.43 -13.91 -17.58
N ALA A 140 3.54 -13.18 -16.47
CA ALA A 140 3.26 -13.76 -15.15
C ALA A 140 1.78 -14.09 -15.00
N GLN A 141 1.53 -15.31 -14.48
CA GLN A 141 0.18 -15.81 -14.35
C GLN A 141 0.14 -17.04 -13.44
N ILE A 142 -1.07 -17.60 -13.24
CA ILE A 142 -1.24 -18.70 -12.30
C ILE A 142 -1.37 -20.01 -13.08
N TRP A 143 -0.43 -20.90 -12.80
CA TRP A 143 -0.40 -22.24 -13.40
C TRP A 143 -1.70 -22.98 -13.18
N GLY A 144 -2.26 -23.51 -14.27
CA GLY A 144 -3.44 -24.36 -14.21
C GLY A 144 -4.76 -23.59 -14.22
N TYR A 145 -4.69 -22.27 -14.10
CA TYR A 145 -5.88 -21.43 -14.27
C TYR A 145 -5.71 -20.59 -15.53
N ASN A 146 -4.70 -19.71 -15.50
CA ASN A 146 -4.36 -18.96 -16.69
C ASN A 146 -3.72 -19.85 -17.76
N THR A 147 -3.08 -20.97 -17.35
CA THR A 147 -2.44 -21.90 -18.28
C THR A 147 -3.31 -23.14 -18.42
N ASN A 148 -3.05 -23.84 -19.51
CA ASN A 148 -3.55 -25.19 -19.76
C ASN A 148 -2.60 -26.19 -19.10
N PHE A 149 -2.95 -27.48 -19.29
CA PHE A 149 -2.12 -28.62 -18.88
C PHE A 149 -1.78 -28.58 -17.39
N GLY A 150 -2.81 -28.31 -16.59
CA GLY A 150 -2.68 -28.39 -15.15
C GLY A 150 -2.87 -29.82 -14.64
N SER A 151 -3.06 -29.89 -13.32
CA SER A 151 -2.96 -31.15 -12.60
C SER A 151 -4.19 -32.06 -12.73
N PHE A 152 -5.20 -31.65 -13.51
CA PHE A 152 -6.37 -32.51 -13.73
C PHE A 152 -6.18 -33.44 -14.94
N GLY A 153 -4.97 -33.48 -15.50
CA GLY A 153 -4.60 -34.50 -16.48
C GLY A 153 -3.65 -35.51 -15.86
N GLN A 154 -3.57 -36.69 -16.51
CA GLN A 154 -2.62 -37.67 -15.97
C GLN A 154 -1.18 -37.22 -16.01
N PHE A 155 -0.89 -36.33 -16.97
CA PHE A 155 0.39 -35.67 -17.09
C PHE A 155 0.11 -34.17 -17.19
N CYS A 156 0.92 -33.39 -16.46
CA CYS A 156 0.81 -31.93 -16.48
C CYS A 156 2.12 -31.35 -16.96
N LEU A 157 2.10 -30.06 -17.35
CA LEU A 157 3.25 -29.42 -17.96
C LEU A 157 3.56 -28.16 -17.16
N ALA A 158 4.81 -28.00 -16.76
CA ALA A 158 5.25 -26.83 -16.02
C ALA A 158 6.64 -26.43 -16.46
N TYR A 159 7.03 -25.18 -16.19
CA TYR A 159 8.41 -24.81 -16.38
C TYR A 159 9.28 -25.34 -15.24
N GLU A 160 10.57 -25.52 -15.51
CA GLU A 160 11.48 -26.07 -14.53
C GLU A 160 11.46 -25.30 -13.22
N HIS A 161 11.39 -23.96 -13.28
CA HIS A 161 11.44 -23.17 -12.05
C HIS A 161 10.27 -23.44 -11.11
N GLN A 162 9.17 -24.05 -11.63
CA GLN A 162 8.04 -24.39 -10.81
C GLN A 162 8.19 -25.67 -10.01
N ILE A 163 9.24 -26.44 -10.30
CA ILE A 163 9.35 -27.75 -9.72
C ILE A 163 10.05 -27.67 -8.35
N LEU A 164 9.40 -28.26 -7.36
CA LEU A 164 9.87 -28.33 -5.98
C LEU A 164 10.05 -29.78 -5.54
N PRO A 165 10.99 -30.05 -4.61
CA PRO A 165 11.12 -31.42 -4.08
C PRO A 165 9.96 -31.76 -3.15
N LYS A 166 9.34 -32.92 -3.41
CA LYS A 166 8.23 -33.36 -2.59
C LYS A 166 8.75 -33.81 -1.21
N ALA A 167 8.12 -33.31 -0.15
CA ALA A 167 8.40 -33.71 1.21
C ALA A 167 8.27 -35.24 1.33
N LYS A 168 9.30 -35.87 1.91
CA LYS A 168 9.39 -37.33 1.94
C LYS A 168 8.41 -37.96 2.92
N HIS A 169 8.03 -37.20 3.95
CA HIS A 169 7.16 -37.69 5.01
C HIS A 169 5.68 -37.53 4.70
N LEU A 170 5.38 -36.92 3.55
CA LEU A 170 3.99 -36.72 3.14
C LEU A 170 3.57 -37.75 2.09
N THR A 171 2.29 -38.13 2.15
CA THR A 171 1.67 -38.92 1.10
C THR A 171 1.51 -38.04 -0.16
N TRP A 172 1.13 -38.65 -1.28
CA TRP A 172 0.92 -37.90 -2.51
C TRP A 172 -0.14 -36.84 -2.26
N GLU A 173 -1.26 -37.25 -1.65
CA GLU A 173 -2.38 -36.32 -1.47
C GLU A 173 -2.06 -35.22 -0.45
N GLU A 174 -1.29 -35.53 0.62
CA GLU A 174 -0.84 -34.49 1.54
C GLU A 174 0.02 -33.46 0.80
N ALA A 175 0.94 -33.96 -0.01
CA ALA A 175 1.95 -33.11 -0.64
C ALA A 175 1.31 -32.26 -1.73
N ALA A 176 0.19 -32.72 -2.29
CA ALA A 176 -0.49 -32.02 -3.38
C ALA A 176 -1.40 -30.90 -2.84
N ALA A 177 -1.64 -30.87 -1.54
CA ALA A 177 -2.69 -30.02 -0.99
C ALA A 177 -2.34 -28.53 -0.90
N PRO A 178 -1.14 -28.13 -0.40
CA PRO A 178 -0.96 -26.74 0.08
C PRO A 178 -0.20 -25.71 -0.74
N THR A 179 0.41 -26.08 -1.85
CA THR A 179 1.42 -25.23 -2.41
C THR A 179 0.81 -23.94 -2.97
N LEU A 180 -0.30 -23.98 -3.71
CA LEU A 180 -0.83 -22.75 -4.28
C LEU A 180 -1.13 -21.76 -3.16
N VAL A 181 -1.89 -22.18 -2.16
CA VAL A 181 -2.33 -21.25 -1.15
C VAL A 181 -1.20 -20.91 -0.20
N GLY A 182 -0.34 -21.88 0.08
CA GLY A 182 0.79 -21.66 0.97
C GLY A 182 1.84 -20.71 0.42
N THR A 183 2.20 -20.86 -0.86
CA THR A 183 3.14 -19.95 -1.47
C THR A 183 2.53 -18.55 -1.62
N THR A 184 1.21 -18.50 -1.90
CA THR A 184 0.55 -17.19 -1.96
C THR A 184 0.71 -16.48 -0.62
N ALA A 185 0.38 -17.19 0.47
CA ALA A 185 0.47 -16.62 1.81
C ALA A 185 1.90 -16.29 2.21
N TYR A 186 2.88 -17.10 1.76
CA TYR A 186 4.27 -16.86 2.08
C TYR A 186 4.71 -15.54 1.47
N ARG A 187 4.39 -15.32 0.18
CA ARG A 187 4.72 -14.06 -0.49
C ARG A 187 4.08 -12.88 0.26
N MET A 188 2.82 -13.05 0.69
CA MET A 188 2.13 -11.97 1.38
C MET A 188 2.85 -11.58 2.66
N LEU A 189 3.32 -12.55 3.44
CA LEU A 189 3.82 -12.32 4.79
C LEU A 189 5.34 -12.06 4.82
N HIS A 190 6.08 -12.53 3.79
CA HIS A 190 7.54 -12.39 3.79
C HIS A 190 8.07 -11.65 2.58
N GLY A 191 7.22 -11.34 1.60
CA GLY A 191 7.75 -10.88 0.34
C GLY A 191 7.77 -9.36 0.11
N TRP A 192 7.17 -8.59 1.01
CA TRP A 192 7.02 -7.15 0.78
C TRP A 192 7.95 -6.39 1.70
N THR A 193 9.13 -6.06 1.18
N THR A 193 9.12 -6.04 1.18
CA THR A 193 10.15 -5.35 1.94
CA THR A 193 10.15 -5.36 1.97
C THR A 193 9.52 -4.16 2.66
C THR A 193 9.55 -4.14 2.65
N GLY A 194 9.85 -4.00 3.94
CA GLY A 194 9.33 -2.92 4.77
C GLY A 194 8.23 -3.43 5.68
N HIS A 195 7.52 -4.52 5.29
CA HIS A 195 6.36 -5.01 6.00
C HIS A 195 6.30 -6.54 5.90
N THR A 196 7.33 -7.15 6.49
CA THR A 196 7.43 -8.60 6.60
C THR A 196 7.20 -8.99 8.05
N VAL A 197 6.60 -10.16 8.28
CA VAL A 197 6.28 -10.59 9.62
C VAL A 197 7.55 -10.71 10.47
N GLU A 198 7.53 -10.07 11.65
CA GLU A 198 8.64 -10.09 12.59
C GLU A 198 8.18 -10.69 13.92
N LYS A 199 9.14 -11.12 14.75
CA LYS A 199 8.87 -11.63 16.09
C LYS A 199 7.87 -10.72 16.80
N ASP A 200 6.77 -11.32 17.30
CA ASP A 200 5.76 -10.67 18.12
C ASP A 200 4.81 -9.76 17.35
N ASP A 201 4.90 -9.72 16.01
CA ASP A 201 3.92 -8.98 15.24
C ASP A 201 2.57 -9.70 15.30
N VAL A 202 1.53 -8.91 15.53
CA VAL A 202 0.16 -9.41 15.45
C VAL A 202 -0.28 -9.44 13.99
N VAL A 203 -0.84 -10.60 13.61
CA VAL A 203 -1.20 -10.87 12.23
C VAL A 203 -2.66 -11.29 12.22
N LEU A 204 -3.49 -10.49 11.55
CA LEU A 204 -4.93 -10.74 11.42
C LEU A 204 -5.15 -11.50 10.13
N VAL A 205 -5.75 -12.69 10.25
CA VAL A 205 -5.94 -13.58 9.12
C VAL A 205 -7.44 -13.77 8.89
N TRP A 206 -7.93 -13.21 7.78
CA TRP A 206 -9.29 -13.43 7.32
C TRP A 206 -9.44 -14.88 6.84
N GLY A 207 -10.65 -15.41 7.00
CA GLY A 207 -10.97 -16.73 6.48
C GLY A 207 -10.00 -17.79 7.00
N GLY A 208 -9.79 -17.80 8.32
CA GLY A 208 -8.70 -18.56 8.94
C GLY A 208 -8.75 -20.06 8.65
N SER A 209 -9.96 -20.64 8.58
CA SER A 209 -10.08 -22.10 8.40
C SER A 209 -9.95 -22.52 6.93
N GLY A 210 -9.93 -21.56 6.00
CA GLY A 210 -9.76 -21.90 4.59
C GLY A 210 -8.32 -22.29 4.28
N GLY A 211 -8.08 -22.70 3.04
CA GLY A 211 -6.77 -23.15 2.61
C GLY A 211 -5.70 -22.08 2.83
N LEU A 212 -5.94 -20.89 2.28
CA LEU A 212 -4.99 -19.78 2.45
C LEU A 212 -4.83 -19.42 3.93
N GLY A 213 -5.94 -19.28 4.65
CA GLY A 213 -5.88 -18.83 6.03
C GLY A 213 -5.10 -19.79 6.93
N SER A 214 -5.30 -21.11 6.73
CA SER A 214 -4.66 -22.10 7.59
C SER A 214 -3.15 -22.18 7.30
N GLN A 215 -2.72 -21.94 6.06
CA GLN A 215 -1.29 -21.84 5.82
C GLN A 215 -0.72 -20.54 6.43
N ALA A 216 -1.45 -19.41 6.25
CA ALA A 216 -1.00 -18.11 6.75
C ALA A 216 -0.80 -18.14 8.26
N ILE A 217 -1.73 -18.80 8.98
CA ILE A 217 -1.63 -18.90 10.43
C ILE A 217 -0.30 -19.55 10.77
N GLN A 218 0.00 -20.70 10.12
CA GLN A 218 1.20 -21.44 10.44
C GLN A 218 2.48 -20.69 10.04
N ILE A 219 2.47 -20.06 8.87
CA ILE A 219 3.62 -19.28 8.42
C ILE A 219 3.91 -18.15 9.41
N ALA A 220 2.85 -17.45 9.82
CA ALA A 220 3.01 -16.34 10.74
C ALA A 220 3.57 -16.86 12.07
N ARG A 221 3.06 -17.99 12.57
CA ARG A 221 3.52 -18.52 13.84
C ARG A 221 4.99 -18.94 13.72
N GLU A 222 5.41 -19.55 12.60
CA GLU A 222 6.79 -19.99 12.43
C GLU A 222 7.75 -18.80 12.47
N ALA A 223 7.30 -17.61 12.01
CA ALA A 223 8.14 -16.41 11.99
C ALA A 223 8.13 -15.69 13.33
N GLY A 224 7.46 -16.27 14.33
CA GLY A 224 7.39 -15.70 15.66
C GLY A 224 6.24 -14.70 15.80
N GLY A 225 5.37 -14.66 14.78
CA GLY A 225 4.20 -13.80 14.78
C GLY A 225 3.08 -14.37 15.65
N ILE A 226 2.11 -13.51 15.92
CA ILE A 226 0.98 -13.86 16.78
C ILE A 226 -0.29 -13.79 15.92
N PRO A 227 -0.80 -14.94 15.41
CA PRO A 227 -1.96 -14.88 14.52
C PRO A 227 -3.30 -14.83 15.23
N ILE A 228 -4.21 -14.06 14.65
CA ILE A 228 -5.59 -13.92 15.07
C ILE A 228 -6.46 -14.25 13.87
N ALA A 229 -7.32 -15.27 14.02
CA ALA A 229 -8.08 -15.76 12.89
C ALA A 229 -9.50 -15.22 12.93
N VAL A 230 -10.00 -14.78 11.77
CA VAL A 230 -11.41 -14.51 11.60
C VAL A 230 -12.09 -15.72 10.98
N VAL A 231 -13.19 -16.17 11.59
CA VAL A 231 -13.87 -17.38 11.15
C VAL A 231 -15.39 -17.21 11.14
N SER A 232 -16.06 -18.24 10.59
CA SER A 232 -17.50 -18.28 10.35
C SER A 232 -18.25 -19.07 11.41
N ASP A 233 -17.55 -19.85 12.24
CA ASP A 233 -18.19 -20.55 13.35
C ASP A 233 -17.15 -21.01 14.37
N ALA A 234 -17.62 -21.58 15.48
CA ALA A 234 -16.77 -21.91 16.61
C ALA A 234 -15.75 -22.99 16.25
N ALA A 235 -16.20 -24.05 15.58
CA ALA A 235 -15.33 -25.19 15.28
C ALA A 235 -14.19 -24.76 14.35
N LYS A 236 -14.50 -23.90 13.37
CA LYS A 236 -13.49 -23.30 12.51
C LYS A 236 -12.49 -22.53 13.36
N GLY A 237 -13.02 -21.84 14.38
CA GLY A 237 -12.21 -21.11 15.33
C GLY A 237 -11.22 -21.99 16.09
N GLU A 238 -11.70 -23.12 16.64
CA GLU A 238 -10.87 -24.05 17.39
C GLU A 238 -9.83 -24.69 16.47
N TYR A 239 -10.24 -24.97 15.23
CA TYR A 239 -9.31 -25.48 14.22
C TYR A 239 -8.16 -24.50 14.02
N CYS A 240 -8.50 -23.20 13.99
CA CYS A 240 -7.50 -22.16 13.76
C CYS A 240 -6.56 -22.09 14.98
N LYS A 241 -7.10 -22.14 16.20
CA LYS A 241 -6.25 -22.24 17.39
C LYS A 241 -5.31 -23.46 17.36
N SER A 242 -5.77 -24.63 16.88
CA SER A 242 -4.91 -25.80 16.87
C SER A 242 -3.74 -25.66 15.89
N LEU A 243 -3.84 -24.76 14.90
CA LEU A 243 -2.77 -24.47 13.95
C LEU A 243 -1.81 -23.40 14.48
N GLY A 244 -2.14 -22.74 15.59
CA GLY A 244 -1.26 -21.74 16.20
C GLY A 244 -1.85 -20.33 16.35
N ALA A 245 -3.13 -20.14 15.98
CA ALA A 245 -3.78 -18.87 16.22
C ALA A 245 -3.95 -18.65 17.72
N LYS A 246 -3.54 -17.47 18.20
CA LYS A 246 -3.64 -17.15 19.61
C LYS A 246 -5.12 -17.16 20.02
N GLY A 247 -5.98 -16.76 19.09
CA GLY A 247 -7.41 -16.70 19.32
C GLY A 247 -8.13 -16.51 17.99
N TYR A 248 -9.47 -16.48 18.06
CA TYR A 248 -10.29 -16.28 16.86
C TYR A 248 -11.44 -15.31 17.14
N ILE A 249 -11.96 -14.72 16.04
CA ILE A 249 -13.07 -13.78 16.03
C ILE A 249 -14.15 -14.29 15.07
N ASP A 250 -15.39 -14.38 15.58
CA ASP A 250 -16.53 -14.83 14.79
C ASP A 250 -17.18 -13.65 14.07
N ARG A 251 -17.10 -13.65 12.74
CA ARG A 251 -17.57 -12.55 11.92
C ARG A 251 -19.09 -12.40 11.99
N ARG A 252 -19.80 -13.46 12.40
CA ARG A 252 -21.26 -13.38 12.39
C ARG A 252 -21.83 -12.52 13.51
N GLU A 253 -21.01 -12.19 14.53
CA GLU A 253 -21.27 -11.19 15.56
C GLU A 253 -21.37 -9.72 15.09
N PHE A 254 -21.26 -9.50 13.76
CA PHE A 254 -20.92 -8.14 13.20
C PHE A 254 -21.86 -7.96 12.00
N ASN A 255 -22.56 -6.79 11.97
CA ASN A 255 -23.52 -6.51 10.91
C ASN A 255 -23.07 -5.36 10.01
N HIS A 256 -21.80 -4.94 10.06
CA HIS A 256 -21.34 -3.74 9.36
C HIS A 256 -20.63 -4.09 8.05
N TRP A 257 -20.45 -5.39 7.81
CA TRP A 257 -19.69 -5.84 6.65
C TRP A 257 -20.27 -5.25 5.36
N GLY A 258 -19.39 -4.95 4.39
CA GLY A 258 -19.81 -4.31 3.15
C GLY A 258 -19.10 -2.98 2.90
N GLN A 259 -19.45 -2.32 1.81
CA GLN A 259 -18.92 -1.00 1.53
C GLN A 259 -19.33 -0.12 2.70
N PRO A 260 -18.45 0.81 3.12
CA PRO A 260 -18.77 1.70 4.23
C PRO A 260 -19.65 2.85 3.76
N PRO A 261 -20.30 3.60 4.67
CA PRO A 261 -20.91 4.85 4.25
C PRO A 261 -19.85 5.82 3.71
N HIS A 262 -20.27 6.76 2.84
CA HIS A 262 -19.42 7.85 2.39
C HIS A 262 -18.96 8.65 3.62
N TRP A 263 -17.82 9.32 3.47
CA TRP A 263 -17.17 9.94 4.60
C TRP A 263 -17.99 11.13 5.14
N THR A 264 -18.84 11.68 4.27
CA THR A 264 -19.69 12.82 4.61
C THR A 264 -20.99 12.39 5.30
N ASP A 265 -21.21 11.08 5.44
CA ASP A 265 -22.43 10.56 6.04
C ASP A 265 -22.21 10.41 7.54
N ASP A 266 -22.46 11.46 8.31
CA ASP A 266 -22.01 11.47 9.70
C ASP A 266 -22.60 10.26 10.43
N ALA A 267 -23.93 10.14 10.38
CA ALA A 267 -24.65 9.18 11.22
C ALA A 267 -24.23 7.75 10.86
N GLY A 268 -24.10 7.49 9.56
CA GLY A 268 -23.63 6.19 9.07
C GLY A 268 -22.27 5.83 9.66
N GLN A 269 -21.39 6.84 9.78
CA GLN A 269 -20.03 6.62 10.25
C GLN A 269 -20.00 6.38 11.77
N LYS A 270 -20.89 7.01 12.55
CA LYS A 270 -20.92 6.69 13.97
C LYS A 270 -21.18 5.20 14.16
N VAL A 271 -22.19 4.68 13.44
CA VAL A 271 -22.64 3.30 13.68
C VAL A 271 -21.56 2.36 13.17
N TRP A 272 -21.03 2.66 11.98
CA TRP A 272 -20.01 1.82 11.37
C TRP A 272 -18.80 1.74 12.30
N THR A 273 -18.36 2.89 12.84
CA THR A 273 -17.19 2.95 13.71
C THR A 273 -17.40 2.13 14.99
N ALA A 274 -18.63 2.13 15.51
CA ALA A 274 -18.90 1.43 16.76
C ALA A 274 -18.62 -0.05 16.59
N GLN A 275 -19.02 -0.59 15.44
CA GLN A 275 -18.79 -2.01 15.13
C GLN A 275 -17.33 -2.32 14.84
N ALA A 276 -16.67 -1.42 14.09
CA ALA A 276 -15.26 -1.58 13.78
C ALA A 276 -14.45 -1.53 15.08
N ARG A 277 -14.86 -0.61 15.97
CA ARG A 277 -14.24 -0.52 17.29
C ARG A 277 -14.42 -1.84 18.05
N ALA A 278 -15.63 -2.38 18.07
CA ALA A 278 -15.86 -3.63 18.81
C ALA A 278 -15.01 -4.76 18.22
N PHE A 279 -14.87 -4.78 16.88
CA PHE A 279 -14.04 -5.77 16.22
C PHE A 279 -12.60 -5.63 16.73
N GLY A 280 -12.09 -4.38 16.77
CA GLY A 280 -10.78 -4.06 17.32
C GLY A 280 -10.57 -4.57 18.74
N LYS A 281 -11.57 -4.40 19.62
CA LYS A 281 -11.46 -4.76 21.02
C LYS A 281 -11.32 -6.28 21.17
N LYS A 282 -11.94 -7.04 20.26
CA LYS A 282 -11.81 -8.49 20.27
C LYS A 282 -10.35 -8.89 20.06
N ILE A 283 -9.65 -8.16 19.17
CA ILE A 283 -8.23 -8.38 18.96
C ILE A 283 -7.50 -8.17 20.29
N TRP A 284 -7.73 -7.01 20.90
CA TRP A 284 -7.10 -6.63 22.15
C TRP A 284 -7.41 -7.66 23.24
N ASP A 285 -8.64 -8.17 23.24
CA ASP A 285 -9.05 -9.15 24.22
C ASP A 285 -8.21 -10.42 24.10
N ILE A 286 -8.04 -10.90 22.87
CA ILE A 286 -7.29 -12.13 22.62
C ILE A 286 -5.84 -11.93 23.05
N LEU A 287 -5.28 -10.75 22.75
CA LEU A 287 -3.88 -10.44 23.02
C LEU A 287 -3.64 -10.21 24.50
N GLY A 288 -4.67 -9.79 25.23
CA GLY A 288 -4.50 -9.35 26.61
C GLY A 288 -3.78 -8.00 26.70
N GLU A 289 -3.75 -7.23 25.59
CA GLU A 289 -3.15 -5.91 25.54
C GLU A 289 -3.61 -5.14 24.31
N ARG A 290 -3.57 -3.80 24.39
CA ARG A 290 -4.10 -2.93 23.36
C ARG A 290 -3.08 -2.78 22.22
N ARG A 291 -3.01 -3.78 21.34
CA ARG A 291 -2.11 -3.74 20.21
C ARG A 291 -2.89 -4.09 18.95
N ASN A 292 -2.47 -3.47 17.86
CA ASN A 292 -3.15 -3.61 16.58
C ASN A 292 -2.31 -4.52 15.68
N PRO A 293 -2.94 -5.24 14.74
CA PRO A 293 -2.17 -6.06 13.81
C PRO A 293 -1.25 -5.22 12.92
N ARG A 294 0.04 -5.57 12.90
CA ARG A 294 0.96 -4.92 11.98
C ARG A 294 0.70 -5.39 10.55
N ILE A 295 0.22 -6.64 10.40
CA ILE A 295 -0.11 -7.19 9.10
C ILE A 295 -1.53 -7.78 9.12
N VAL A 296 -2.30 -7.46 8.08
CA VAL A 296 -3.64 -7.99 7.86
C VAL A 296 -3.58 -8.79 6.56
N LEU A 297 -3.88 -10.10 6.64
CA LEU A 297 -3.90 -10.97 5.48
C LEU A 297 -5.32 -11.01 4.90
N GLU A 298 -5.53 -10.18 3.87
CA GLU A 298 -6.80 -9.96 3.19
C GLU A 298 -7.00 -10.85 1.96
N HIS A 299 -8.26 -10.91 1.54
CA HIS A 299 -8.74 -11.67 0.39
C HIS A 299 -10.26 -11.55 0.24
N PRO A 300 -11.08 -11.36 1.31
CA PRO A 300 -12.50 -11.15 1.06
C PRO A 300 -12.73 -9.85 0.27
N GLY A 301 -11.89 -8.84 0.48
CA GLY A 301 -11.94 -7.63 -0.35
C GLY A 301 -13.04 -6.66 0.06
N GLU A 302 -13.99 -6.44 -0.87
CA GLU A 302 -14.94 -5.34 -0.76
C GLU A 302 -15.57 -5.23 0.63
N ASP A 303 -16.03 -6.37 1.20
CA ASP A 303 -16.83 -6.33 2.41
C ASP A 303 -16.00 -6.18 3.68
N THR A 304 -14.71 -6.51 3.64
CA THR A 304 -13.89 -6.55 4.84
C THR A 304 -12.84 -5.44 4.84
N ILE A 305 -12.47 -4.93 3.66
CA ILE A 305 -11.37 -3.99 3.56
C ILE A 305 -11.58 -2.78 4.49
N PRO A 306 -12.78 -2.18 4.60
CA PRO A 306 -12.92 -1.04 5.52
C PRO A 306 -12.49 -1.39 6.96
N THR A 307 -12.85 -2.59 7.43
CA THR A 307 -12.44 -3.04 8.75
C THR A 307 -10.92 -3.24 8.83
N SER A 308 -10.35 -3.94 7.83
CA SER A 308 -8.90 -4.17 7.76
C SER A 308 -8.12 -2.83 7.85
N ILE A 309 -8.51 -1.88 7.00
CA ILE A 309 -7.84 -0.58 6.97
C ILE A 309 -7.94 0.10 8.35
N PHE A 310 -9.12 0.06 8.97
CA PHE A 310 -9.33 0.64 10.30
C PHE A 310 -8.45 -0.04 11.36
N CYS A 311 -8.39 -1.38 11.37
CA CYS A 311 -7.76 -2.11 12.46
C CYS A 311 -6.23 -2.15 12.32
N CYS A 312 -5.75 -2.08 11.08
CA CYS A 312 -4.33 -2.13 10.78
C CYS A 312 -3.55 -1.12 11.63
N ASP A 313 -2.40 -1.53 12.18
CA ASP A 313 -1.65 -0.60 13.01
C ASP A 313 -1.09 0.57 12.18
N THR A 314 -0.80 1.66 12.88
CA THR A 314 0.01 2.73 12.32
C THR A 314 1.25 2.10 11.68
N GLY A 315 1.54 2.48 10.44
CA GLY A 315 2.72 2.01 9.76
C GLY A 315 2.62 0.53 9.39
N GLY A 316 1.42 -0.05 9.40
CA GLY A 316 1.29 -1.46 9.11
C GLY A 316 0.86 -1.70 7.66
N MET A 317 0.55 -2.97 7.34
CA MET A 317 0.20 -3.38 5.99
C MET A 317 -1.01 -4.29 6.00
N VAL A 318 -1.96 -3.94 5.13
CA VAL A 318 -3.00 -4.83 4.68
C VAL A 318 -2.56 -5.35 3.32
N VAL A 319 -2.38 -6.67 3.22
CA VAL A 319 -1.91 -7.31 2.00
C VAL A 319 -3.05 -8.19 1.49
N ILE A 320 -3.37 -8.10 0.19
CA ILE A 320 -4.60 -8.67 -0.33
C ILE A 320 -4.31 -9.45 -1.64
N CYS A 321 -4.84 -10.68 -1.72
CA CYS A 321 -4.61 -11.55 -2.85
C CYS A 321 -5.87 -12.09 -3.54
N ALA A 322 -7.01 -11.40 -3.32
CA ALA A 322 -8.26 -11.75 -3.98
C ALA A 322 -9.27 -10.67 -3.64
N GLY A 323 -10.49 -10.84 -4.18
CA GLY A 323 -11.62 -10.05 -3.76
C GLY A 323 -12.91 -10.86 -3.79
N THR A 324 -12.96 -11.85 -2.90
CA THR A 324 -14.01 -12.85 -2.99
C THR A 324 -15.41 -12.27 -2.79
N THR A 325 -15.55 -11.15 -2.06
CA THR A 325 -16.86 -10.53 -1.84
C THR A 325 -17.07 -9.39 -2.82
N GLY A 326 -16.05 -9.10 -3.63
CA GLY A 326 -16.12 -8.03 -4.62
C GLY A 326 -14.83 -7.20 -4.63
N TYR A 327 -14.75 -6.30 -5.63
CA TYR A 327 -13.52 -5.62 -6.03
C TYR A 327 -13.51 -4.11 -5.79
N SER A 328 -14.62 -3.51 -5.32
CA SER A 328 -14.67 -2.06 -5.11
C SER A 328 -14.34 -1.77 -3.65
N ALA A 329 -13.04 -1.73 -3.37
CA ALA A 329 -12.55 -1.65 -2.01
C ALA A 329 -12.44 -0.19 -1.60
N VAL A 330 -13.19 0.21 -0.57
CA VAL A 330 -13.16 1.61 -0.15
C VAL A 330 -12.20 1.80 1.02
N VAL A 331 -11.18 2.63 0.77
CA VAL A 331 -10.13 2.98 1.72
C VAL A 331 -10.39 4.39 2.23
N ASP A 332 -10.67 4.48 3.54
CA ASP A 332 -10.89 5.76 4.19
C ASP A 332 -9.52 6.41 4.41
N LEU A 333 -9.25 7.48 3.65
CA LEU A 333 -7.94 8.09 3.69
C LEU A 333 -7.62 8.76 5.04
N ARG A 334 -8.64 8.97 5.88
CA ARG A 334 -8.41 9.53 7.21
C ARG A 334 -7.67 8.56 8.13
N TYR A 335 -7.82 7.26 7.90
CA TYR A 335 -6.99 6.29 8.61
C TYR A 335 -5.73 5.99 7.79
N HIS A 336 -5.92 5.80 6.50
CA HIS A 336 -4.86 5.27 5.64
C HIS A 336 -3.69 6.23 5.49
N TRP A 337 -4.01 7.51 5.25
CA TRP A 337 -2.98 8.52 5.07
C TRP A 337 -2.44 8.95 6.45
N VAL A 338 -3.31 9.35 7.38
CA VAL A 338 -2.82 9.97 8.60
C VAL A 338 -2.00 8.99 9.43
N ARG A 339 -2.39 7.69 9.46
CA ARG A 339 -1.61 6.70 10.21
C ARG A 339 -0.70 5.83 9.32
N GLN A 340 -0.48 6.30 8.08
CA GLN A 340 0.58 5.85 7.20
C GLN A 340 0.54 4.33 7.02
N LYS A 341 -0.59 3.83 6.53
CA LYS A 341 -0.83 2.43 6.32
C LYS A 341 -0.57 2.07 4.85
N ARG A 342 -0.31 0.77 4.64
CA ARG A 342 -0.02 0.22 3.34
C ARG A 342 -1.13 -0.73 2.95
N LEU A 343 -1.66 -0.56 1.73
CA LEU A 343 -2.53 -1.56 1.13
C LEU A 343 -1.76 -2.11 -0.06
N GLN A 344 -1.40 -3.41 0.03
CA GLN A 344 -0.49 -4.05 -0.89
C GLN A 344 -1.22 -5.18 -1.61
N GLY A 345 -1.29 -5.11 -2.93
CA GLY A 345 -1.75 -6.28 -3.67
C GLY A 345 -0.63 -7.30 -3.81
N SER A 346 -1.01 -8.59 -3.77
CA SER A 346 -0.02 -9.66 -3.88
C SER A 346 -0.69 -10.82 -4.62
N HIS A 347 0.09 -11.50 -5.48
CA HIS A 347 -0.50 -12.52 -6.33
C HIS A 347 0.58 -13.52 -6.70
N GLY A 348 0.22 -14.80 -6.65
CA GLY A 348 1.21 -15.79 -7.00
C GLY A 348 2.39 -15.81 -6.02
N THR A 349 3.53 -16.21 -6.57
CA THR A 349 4.76 -16.43 -5.84
C THR A 349 5.90 -16.32 -6.82
N ASN A 350 7.09 -15.89 -6.35
CA ASN A 350 8.30 -16.09 -7.13
C ASN A 350 8.92 -17.43 -6.67
N THR A 351 10.03 -17.81 -7.30
CA THR A 351 10.61 -19.12 -7.03
C THR A 351 11.32 -19.15 -5.67
N GLU A 352 12.01 -18.04 -5.30
CA GLU A 352 12.66 -17.98 -4.00
C GLU A 352 11.63 -18.17 -2.89
N GLN A 353 10.50 -17.45 -2.96
CA GLN A 353 9.42 -17.57 -2.01
C GLN A 353 8.82 -18.97 -1.97
N ALA A 354 8.62 -19.58 -3.15
CA ALA A 354 8.05 -20.91 -3.22
C ALA A 354 8.97 -21.94 -2.56
N ARG A 355 10.27 -21.83 -2.78
CA ARG A 355 11.24 -22.75 -2.18
C ARG A 355 11.31 -22.55 -0.69
N ALA A 356 11.28 -21.30 -0.22
CA ALA A 356 11.28 -21.06 1.21
C ALA A 356 10.02 -21.63 1.88
N TYR A 357 8.87 -21.48 1.22
CA TYR A 357 7.65 -22.08 1.74
C TYR A 357 7.74 -23.61 1.77
N ASN A 358 8.19 -24.17 0.65
CA ASN A 358 8.30 -25.63 0.56
C ASN A 358 9.30 -26.16 1.58
N ASP A 359 10.35 -25.39 1.89
CA ASP A 359 11.34 -25.79 2.89
C ASP A 359 10.67 -26.01 4.25
N LEU A 360 9.70 -25.15 4.57
CA LEU A 360 8.94 -25.30 5.82
C LEU A 360 8.13 -26.60 5.79
N VAL A 361 7.55 -26.93 4.64
CA VAL A 361 6.81 -28.17 4.51
C VAL A 361 7.76 -29.35 4.61
N TYR A 362 8.87 -29.29 3.87
CA TYR A 362 9.81 -30.40 3.78
C TYR A 362 10.35 -30.73 5.17
N SER A 363 10.59 -29.69 5.98
CA SER A 363 11.22 -29.90 7.27
C SER A 363 10.21 -30.29 8.33
N GLY A 364 8.91 -30.29 7.97
CA GLY A 364 7.84 -30.73 8.86
C GLY A 364 7.37 -29.65 9.84
N ARG A 365 7.64 -28.38 9.52
CA ARG A 365 7.23 -27.27 10.37
C ARG A 365 5.80 -26.84 10.08
N ILE A 366 5.31 -27.14 8.88
CA ILE A 366 3.99 -26.75 8.41
C ILE A 366 3.18 -28.01 8.08
N ASP A 367 1.93 -28.01 8.51
CA ASP A 367 0.94 -29.04 8.19
C ASP A 367 0.25 -28.67 6.88
N PRO A 368 0.17 -29.58 5.90
CA PRO A 368 -0.50 -29.24 4.63
C PRO A 368 -2.02 -29.14 4.70
N CYS A 369 -2.57 -29.51 5.86
CA CYS A 369 -3.98 -29.34 6.15
C CYS A 369 -4.87 -30.05 5.13
N LEU A 370 -4.59 -31.34 4.92
CA LEU A 370 -5.40 -32.15 4.03
C LEU A 370 -6.69 -32.52 4.72
N GLY A 371 -7.81 -32.09 4.16
CA GLY A 371 -9.10 -32.24 4.81
C GLY A 371 -9.95 -33.38 4.26
N GLU A 372 -9.80 -33.67 2.96
CA GLU A 372 -10.63 -34.63 2.25
C GLU A 372 -9.95 -35.10 0.98
N VAL A 373 -10.10 -36.41 0.66
CA VAL A 373 -9.52 -36.98 -0.54
C VAL A 373 -10.63 -37.59 -1.39
N ARG A 374 -10.67 -37.25 -2.67
CA ARG A 374 -11.70 -37.73 -3.58
C ARG A 374 -11.08 -38.42 -4.80
N SER A 375 -11.93 -39.04 -5.62
CA SER A 375 -11.40 -39.70 -6.80
C SER A 375 -11.37 -38.72 -7.98
N PHE A 376 -10.45 -38.98 -8.89
CA PHE A 376 -10.37 -38.27 -10.14
C PHE A 376 -11.74 -38.18 -10.81
N LEU A 377 -12.54 -39.22 -10.71
CA LEU A 377 -13.83 -39.25 -11.38
C LEU A 377 -14.73 -38.12 -10.86
N ASP A 378 -14.41 -37.55 -9.70
CA ASP A 378 -15.36 -36.68 -9.04
C ASP A 378 -14.92 -35.21 -9.05
N VAL A 379 -14.03 -34.81 -9.96
CA VAL A 379 -13.60 -33.42 -10.03
C VAL A 379 -14.80 -32.46 -10.14
N GLY A 380 -15.76 -32.80 -10.99
CA GLY A 380 -16.89 -31.90 -11.22
C GLY A 380 -17.72 -31.78 -9.95
N LYS A 381 -18.10 -32.92 -9.37
CA LYS A 381 -18.90 -32.92 -8.15
C LYS A 381 -18.15 -32.24 -6.99
N ALA A 382 -16.83 -32.45 -6.90
CA ALA A 382 -16.08 -31.89 -5.79
C ALA A 382 -16.06 -30.36 -5.88
N HIS A 383 -15.94 -29.80 -7.11
CA HIS A 383 -15.97 -28.36 -7.25
C HIS A 383 -17.40 -27.83 -7.12
N GLN A 384 -18.40 -28.62 -7.51
CA GLN A 384 -19.79 -28.29 -7.26
C GLN A 384 -20.01 -28.16 -5.75
N ASP A 385 -19.51 -29.14 -5.00
CA ASP A 385 -19.59 -29.09 -3.55
C ASP A 385 -18.84 -27.86 -3.01
N MET A 386 -17.67 -27.57 -3.59
CA MET A 386 -16.94 -26.40 -3.13
C MET A 386 -17.80 -25.15 -3.34
N MET A 387 -18.35 -24.97 -4.55
CA MET A 387 -19.16 -23.80 -4.91
C MET A 387 -20.36 -23.64 -3.99
N GLU A 388 -20.95 -24.77 -3.57
CA GLU A 388 -22.00 -24.75 -2.56
C GLU A 388 -21.31 -24.68 -1.19
N GLY A 389 -22.02 -24.96 -0.10
CA GLY A 389 -21.40 -24.80 1.22
C GLY A 389 -20.39 -25.89 1.58
N LYS A 390 -20.19 -26.92 0.75
CA LYS A 390 -19.68 -28.17 1.32
C LYS A 390 -18.16 -28.19 1.21
N LEU A 391 -17.59 -29.36 1.54
CA LEU A 391 -16.15 -29.57 1.58
C LEU A 391 -15.67 -29.20 2.98
N ALA A 392 -14.59 -29.88 3.39
CA ALA A 392 -14.12 -29.84 4.76
C ALA A 392 -13.20 -28.65 4.97
N HIS A 393 -12.73 -28.50 6.21
CA HIS A 393 -11.82 -27.42 6.53
C HIS A 393 -10.52 -27.60 5.77
N GLY A 394 -9.84 -26.50 5.40
CA GLY A 394 -8.53 -26.60 4.77
C GLY A 394 -8.61 -27.04 3.31
N ASN A 395 -7.92 -28.14 2.95
CA ASN A 395 -7.61 -28.43 1.56
C ASN A 395 -8.17 -29.79 1.11
N THR A 396 -8.70 -29.83 -0.11
CA THR A 396 -9.23 -31.04 -0.70
C THR A 396 -8.30 -31.44 -1.85
N CYS A 397 -8.14 -32.76 -2.02
CA CYS A 397 -7.34 -33.31 -3.11
C CYS A 397 -8.06 -34.43 -3.82
N ILE A 398 -7.56 -34.76 -5.03
CA ILE A 398 -7.99 -35.95 -5.74
C ILE A 398 -6.78 -36.83 -6.00
N LEU A 399 -7.02 -38.14 -6.02
CA LEU A 399 -6.03 -39.05 -6.55
C LEU A 399 -6.13 -39.07 -8.07
N VAL A 400 -4.96 -39.19 -8.71
CA VAL A 400 -4.89 -39.30 -10.15
C VAL A 400 -4.09 -40.57 -10.45
N GLY A 401 -2.75 -40.51 -10.49
CA GLY A 401 -1.91 -41.68 -10.74
C GLY A 401 -1.78 -42.61 -9.52
N ALA A 402 -1.96 -42.08 -8.31
CA ALA A 402 -1.87 -42.91 -7.11
C ALA A 402 -2.99 -43.95 -7.13
N ALA A 403 -2.62 -45.21 -6.84
CA ALA A 403 -3.52 -46.33 -6.94
C ALA A 403 -4.48 -46.38 -5.76
N ALA A 404 -4.08 -45.78 -4.65
CA ALA A 404 -4.87 -45.81 -3.43
C ALA A 404 -4.42 -44.65 -2.56
N LYS A 405 -5.18 -44.43 -1.48
CA LYS A 405 -4.81 -43.45 -0.49
C LYS A 405 -3.54 -43.89 0.28
N SER A 406 -2.87 -42.88 0.83
CA SER A 406 -1.79 -42.99 1.80
C SER A 406 -0.50 -43.58 1.24
N LEU A 407 -0.31 -43.51 -0.07
CA LEU A 407 0.96 -43.88 -0.70
C LEU A 407 1.87 -42.67 -0.87
N GLY A 408 3.12 -42.92 -1.28
CA GLY A 408 4.04 -41.86 -1.68
C GLY A 408 5.03 -41.40 -0.61
N LYS A 409 4.93 -41.84 0.65
CA LYS A 409 5.96 -41.49 1.61
C LYS A 409 7.25 -42.25 1.29
N GLN A 410 8.40 -41.61 1.50
CA GLN A 410 9.69 -42.22 1.20
C GLN A 410 10.42 -42.50 2.52
N ASP B 1 9.60 44.06 27.80
CA ASP B 1 8.36 44.36 27.05
C ASP B 1 8.48 43.81 25.63
N SER B 2 7.33 43.66 25.01
CA SER B 2 7.29 43.21 23.64
C SER B 2 7.96 44.25 22.74
N VAL B 3 8.30 43.79 21.57
CA VAL B 3 8.87 44.61 20.53
C VAL B 3 7.98 44.56 19.31
N PRO B 4 8.03 45.62 18.45
CA PRO B 4 7.23 45.61 17.24
C PRO B 4 7.59 44.48 16.30
N ILE B 5 6.61 44.17 15.47
CA ILE B 5 6.83 43.30 14.35
C ILE B 5 7.86 43.91 13.43
N GLY B 6 8.73 43.09 12.85
CA GLY B 6 9.82 43.57 12.01
C GLY B 6 11.06 44.04 12.78
N SER B 7 11.07 43.77 14.08
CA SER B 7 12.20 44.07 14.94
C SER B 7 12.37 42.91 15.93
N LEU B 8 13.58 42.85 16.48
CA LEU B 8 13.89 41.93 17.54
C LEU B 8 14.79 42.61 18.55
N PRO B 9 14.79 42.11 19.82
CA PRO B 9 15.81 42.48 20.78
C PRO B 9 17.16 41.97 20.30
N PRO B 10 18.26 42.34 21.00
CA PRO B 10 19.55 41.73 20.76
C PRO B 10 19.45 40.22 20.83
N VAL B 11 20.28 39.57 20.03
CA VAL B 11 20.26 38.11 19.96
C VAL B 11 20.40 37.52 21.37
N GLY B 12 19.49 36.59 21.69
CA GLY B 12 19.50 35.96 22.98
C GLY B 12 18.73 36.66 24.08
N GLU B 13 18.19 37.87 23.81
CA GLU B 13 17.38 38.57 24.79
C GLU B 13 15.94 38.32 24.39
N VAL B 14 15.20 37.67 25.27
CA VAL B 14 13.84 37.25 24.97
C VAL B 14 12.89 38.10 25.78
N PRO B 15 11.91 38.76 25.12
CA PRO B 15 10.90 39.51 25.86
C PRO B 15 9.96 38.62 26.61
N ASN B 16 9.21 39.21 27.54
CA ASN B 16 8.20 38.47 28.28
C ASN B 16 7.01 38.14 27.39
N ARG B 17 6.68 39.05 26.47
CA ARG B 17 5.46 38.96 25.69
C ARG B 17 5.80 39.12 24.19
N MET B 18 4.88 38.59 23.37
CA MET B 18 5.03 38.66 21.94
C MET B 18 3.67 38.84 21.27
N PHE B 19 3.75 39.38 20.06
CA PHE B 19 2.60 39.39 19.17
C PHE B 19 2.50 38.06 18.43
N ALA B 20 1.26 37.64 18.16
CA ALA B 20 0.97 36.45 17.37
C ALA B 20 -0.37 36.59 16.67
N GLN B 21 -0.51 35.96 15.52
CA GLN B 21 -1.80 35.79 14.88
C GLN B 21 -2.42 34.53 15.45
N VAL B 22 -3.51 34.70 16.18
CA VAL B 22 -4.10 33.74 17.09
C VAL B 22 -5.49 33.37 16.66
N VAL B 23 -5.83 32.09 16.78
CA VAL B 23 -7.19 31.62 16.75
C VAL B 23 -7.65 31.25 18.15
N ARG B 24 -8.95 31.48 18.42
CA ARG B 24 -9.60 30.98 19.61
C ARG B 24 -10.87 30.23 19.23
N SER B 25 -11.32 29.31 20.07
CA SER B 25 -12.50 28.51 19.78
C SER B 25 -13.76 29.35 19.57
N ASN B 26 -13.84 30.46 20.30
CA ASN B 26 -15.01 31.30 20.21
C ASN B 26 -15.10 32.12 18.92
N ARG B 27 -14.10 32.05 18.05
CA ARG B 27 -14.15 32.76 16.78
C ARG B 27 -13.75 31.89 15.61
N LEU B 28 -13.90 30.57 15.76
CA LEU B 28 -13.67 29.71 14.60
C LEU B 28 -14.58 30.10 13.43
N GLY B 29 -14.05 29.95 12.22
CA GLY B 29 -14.81 30.26 11.02
C GLY B 29 -13.84 30.57 9.88
N ASP B 30 -14.27 31.45 8.97
CA ASP B 30 -13.37 31.86 7.91
C ASP B 30 -12.10 32.47 8.49
N PRO B 31 -10.93 32.30 7.84
CA PRO B 31 -9.69 32.86 8.34
C PRO B 31 -9.72 34.36 8.62
N ILE B 32 -10.44 35.12 7.77
CA ILE B 32 -10.47 36.56 7.98
C ILE B 32 -11.08 36.88 9.35
N ASP B 33 -11.97 36.03 9.85
CA ASP B 33 -12.64 36.25 11.12
C ASP B 33 -11.96 35.53 12.29
N ALA B 34 -11.32 34.38 12.01
CA ALA B 34 -10.81 33.55 13.08
C ALA B 34 -9.46 34.04 13.62
N PHE B 35 -8.63 34.60 12.72
CA PHE B 35 -7.33 35.14 13.08
C PHE B 35 -7.48 36.56 13.63
N GLN B 36 -6.87 36.79 14.79
CA GLN B 36 -6.71 38.12 15.31
C GLN B 36 -5.34 38.25 15.95
N ILE B 37 -4.73 39.42 15.87
CA ILE B 37 -3.51 39.69 16.58
C ILE B 37 -3.79 39.82 18.08
N GLU B 38 -2.96 39.11 18.87
CA GLU B 38 -2.97 39.24 20.32
C GLU B 38 -1.53 39.29 20.82
N GLN B 39 -1.35 39.76 22.04
CA GLN B 39 -0.12 39.56 22.80
C GLN B 39 -0.30 38.39 23.76
N VAL B 40 0.70 37.50 23.77
CA VAL B 40 0.70 36.34 24.66
C VAL B 40 2.08 36.27 25.31
N ASP B 41 2.18 35.51 26.40
CA ASP B 41 3.49 35.27 26.96
C ASP B 41 4.37 34.45 26.00
N VAL B 42 5.65 34.79 25.94
CA VAL B 42 6.62 34.00 25.21
C VAL B 42 6.85 32.73 26.01
N PRO B 43 6.70 31.54 25.40
CA PRO B 43 6.97 30.31 26.14
C PRO B 43 8.46 30.12 26.45
N LYS B 44 8.75 29.42 27.54
CA LYS B 44 10.10 29.09 27.94
C LYS B 44 10.45 27.69 27.42
N PRO B 45 11.60 27.50 26.76
CA PRO B 45 11.95 26.15 26.32
C PRO B 45 12.28 25.24 27.49
N GLY B 46 11.64 24.06 27.44
CA GLY B 46 12.00 22.99 28.35
C GLY B 46 13.14 22.13 27.79
N GLU B 47 13.37 20.98 28.45
CA GLU B 47 14.41 20.07 28.01
C GLU B 47 14.19 19.72 26.55
N GLY B 48 15.25 19.86 25.79
CA GLY B 48 15.22 19.48 24.40
C GLY B 48 14.59 20.48 23.46
N GLU B 49 14.12 21.64 23.97
CA GLU B 49 13.41 22.59 23.14
C GLU B 49 14.29 23.78 22.78
N VAL B 50 13.85 24.42 21.68
CA VAL B 50 14.52 25.55 21.06
C VAL B 50 13.46 26.63 20.79
N LEU B 51 13.81 27.87 21.22
CA LEU B 51 12.95 29.03 20.93
C LEU B 51 13.56 29.79 19.75
N VAL B 52 12.81 29.87 18.66
CA VAL B 52 13.26 30.51 17.43
C VAL B 52 12.52 31.85 17.26
N ALA B 53 13.32 32.92 17.09
CA ALA B 53 12.77 34.19 16.66
C ALA B 53 12.42 34.06 15.19
N VAL B 54 11.13 34.17 14.86
CA VAL B 54 10.66 33.97 13.50
C VAL B 54 10.98 35.17 12.64
N MET B 55 11.73 34.97 11.57
CA MET B 55 12.02 36.04 10.63
C MET B 55 10.98 36.06 9.50
N ALA B 56 10.59 34.87 9.01
CA ALA B 56 9.51 34.73 8.06
C ALA B 56 8.83 33.39 8.30
N ALA B 57 7.56 33.30 7.93
CA ALA B 57 6.73 32.15 8.16
C ALA B 57 6.05 31.77 6.86
N GLY B 58 5.98 30.47 6.60
CA GLY B 58 5.26 30.01 5.44
C GLY B 58 3.80 29.74 5.77
N LEU B 59 2.93 29.90 4.75
CA LEU B 59 1.51 29.68 4.90
C LEU B 59 1.18 28.26 4.43
N ASN B 60 0.09 27.68 4.94
CA ASN B 60 -0.35 26.39 4.46
C ASN B 60 -1.85 26.25 4.68
N PHE B 61 -2.51 25.39 3.89
CA PHE B 61 -3.94 25.21 4.03
C PHE B 61 -4.28 24.61 5.41
N ASN B 62 -3.33 23.97 6.12
CA ASN B 62 -3.62 23.47 7.46
C ASN B 62 -4.10 24.59 8.38
N ASN B 63 -3.70 25.83 8.09
CA ASN B 63 -4.10 26.96 8.90
C ASN B 63 -5.56 27.34 8.63
N VAL B 64 -6.04 27.05 7.41
CA VAL B 64 -7.44 27.26 7.09
C VAL B 64 -8.25 26.23 7.89
N TRP B 65 -7.76 24.98 7.94
CA TRP B 65 -8.49 24.00 8.72
C TRP B 65 -8.52 24.38 10.21
N ALA B 66 -7.40 24.84 10.76
CA ALA B 66 -7.36 25.19 12.17
C ALA B 66 -8.28 26.39 12.42
N ALA B 67 -8.29 27.37 11.49
CA ALA B 67 -9.17 28.53 11.67
C ALA B 67 -10.65 28.15 11.70
N ARG B 68 -11.05 27.13 10.90
CA ARG B 68 -12.42 26.72 10.77
C ARG B 68 -12.84 25.75 11.87
N GLY B 69 -11.86 25.11 12.50
CA GLY B 69 -12.14 24.05 13.45
C GLY B 69 -12.64 22.77 12.77
N VAL B 70 -12.26 22.57 11.51
CA VAL B 70 -12.67 21.36 10.80
C VAL B 70 -11.40 20.74 10.23
N PRO B 71 -11.17 19.42 10.42
CA PRO B 71 -12.15 18.52 11.01
C PRO B 71 -12.27 18.55 12.53
N ILE B 72 -11.34 19.22 13.21
CA ILE B 72 -11.31 19.28 14.66
C ILE B 72 -10.90 20.68 15.06
N ASP B 73 -11.38 21.12 16.23
CA ASP B 73 -10.81 22.28 16.85
C ASP B 73 -9.53 21.87 17.57
N VAL B 74 -8.41 22.36 17.09
CA VAL B 74 -7.13 21.95 17.64
C VAL B 74 -6.98 22.37 19.10
N ILE B 75 -7.58 23.53 19.44
CA ILE B 75 -7.51 24.01 20.82
C ILE B 75 -8.22 23.03 21.75
N ALA B 76 -9.46 22.68 21.41
CA ALA B 76 -10.23 21.75 22.24
C ALA B 76 -9.52 20.41 22.32
N ALA B 77 -8.83 20.00 21.23
CA ALA B 77 -8.18 18.70 21.23
C ALA B 77 -7.02 18.72 22.22
N ARG B 78 -6.23 19.80 22.21
CA ARG B 78 -5.12 19.88 23.16
C ARG B 78 -5.63 20.10 24.59
N LYS B 79 -6.76 20.80 24.78
CA LYS B 79 -7.27 20.93 26.14
C LYS B 79 -7.67 19.56 26.69
N ALA B 80 -8.20 18.69 25.82
CA ALA B 80 -8.60 17.36 26.26
C ALA B 80 -7.39 16.52 26.66
N GLN B 81 -6.21 16.90 26.15
CA GLN B 81 -4.97 16.22 26.46
C GLN B 81 -4.24 16.88 27.63
N GLY B 82 -4.84 17.91 28.25
CA GLY B 82 -4.28 18.53 29.43
C GLY B 82 -3.73 19.96 29.24
N SER B 83 -3.76 20.50 28.02
CA SER B 83 -3.16 21.82 27.77
C SER B 83 -3.91 22.90 28.54
N PRO B 84 -3.21 23.87 29.14
CA PRO B 84 -3.86 25.01 29.77
C PRO B 84 -4.26 26.13 28.80
N TYR B 85 -3.77 26.09 27.58
CA TYR B 85 -3.93 27.23 26.69
C TYR B 85 -5.30 27.23 26.01
N ASP B 86 -5.87 28.42 25.91
CA ASP B 86 -7.14 28.59 25.21
C ASP B 86 -6.99 29.33 23.89
N PHE B 87 -5.80 29.30 23.31
CA PHE B 87 -5.54 29.89 22.03
C PHE B 87 -4.64 28.97 21.21
N HIS B 88 -4.62 29.17 19.90
CA HIS B 88 -3.77 28.48 18.96
C HIS B 88 -2.96 29.46 18.17
N ILE B 89 -1.65 29.32 18.22
CA ILE B 89 -0.69 29.95 17.35
C ILE B 89 -0.22 28.89 16.36
N GLY B 90 -0.73 29.00 15.13
CA GLY B 90 -0.36 28.12 14.05
C GLY B 90 0.91 28.59 13.34
N GLY B 91 1.13 28.01 12.14
CA GLY B 91 2.29 28.26 11.33
C GLY B 91 3.21 27.05 11.41
N SER B 92 3.37 26.35 10.28
CA SER B 92 4.13 25.12 10.24
C SER B 92 5.45 25.25 9.51
N ASP B 93 5.81 26.47 9.08
CA ASP B 93 7.02 26.72 8.35
C ASP B 93 7.64 27.99 8.92
N ALA B 94 8.93 28.00 9.15
CA ALA B 94 9.64 29.17 9.63
C ALA B 94 11.08 29.16 9.20
N SER B 95 11.61 30.37 8.98
CA SER B 95 13.03 30.63 9.03
C SER B 95 13.27 31.63 10.15
N GLY B 96 14.41 31.58 10.79
CA GLY B 96 14.70 32.56 11.80
C GLY B 96 15.98 32.29 12.54
N ILE B 97 16.08 32.84 13.75
CA ILE B 97 17.29 32.90 14.54
C ILE B 97 17.00 32.30 15.89
N VAL B 98 17.84 31.33 16.31
CA VAL B 98 17.66 30.75 17.63
C VAL B 98 17.92 31.80 18.70
N TYR B 99 16.94 31.97 19.60
CA TYR B 99 17.12 32.93 20.70
C TYR B 99 17.27 32.30 22.08
N ALA B 100 16.85 31.02 22.26
CA ALA B 100 17.08 30.38 23.52
C ALA B 100 17.02 28.87 23.30
N VAL B 101 17.72 28.12 24.16
CA VAL B 101 17.70 26.65 24.14
C VAL B 101 17.48 26.17 25.56
N GLY B 102 16.81 25.00 25.64
CA GLY B 102 16.64 24.33 26.91
C GLY B 102 17.79 23.36 27.23
N ALA B 103 17.62 22.68 28.34
CA ALA B 103 18.59 21.69 28.78
C ALA B 103 18.69 20.58 27.74
N GLY B 104 19.90 20.04 27.57
CA GLY B 104 20.10 18.90 26.68
C GLY B 104 20.16 19.23 25.20
N VAL B 105 20.14 20.53 24.85
CA VAL B 105 20.31 20.95 23.49
C VAL B 105 21.79 21.23 23.27
N LYS B 106 22.48 20.25 22.67
CA LYS B 106 23.94 20.28 22.61
C LYS B 106 24.47 20.56 21.22
N HIS B 107 23.60 20.63 20.21
CA HIS B 107 24.03 20.95 18.86
C HIS B 107 23.62 22.38 18.51
N VAL B 108 22.33 22.66 18.58
CA VAL B 108 21.84 23.98 18.21
C VAL B 108 22.25 25.03 19.23
N GLN B 109 22.64 26.21 18.72
CA GLN B 109 23.13 27.31 19.55
C GLN B 109 22.34 28.60 19.29
N VAL B 110 22.24 29.42 20.35
CA VAL B 110 21.73 30.77 20.23
C VAL B 110 22.51 31.49 19.14
N GLY B 111 21.76 32.17 18.28
CA GLY B 111 22.32 32.90 17.16
C GLY B 111 22.29 32.16 15.82
N ASP B 112 22.04 30.83 15.88
CA ASP B 112 22.06 30.05 14.64
C ASP B 112 20.89 30.49 13.72
N TYR B 113 21.18 30.55 12.42
CA TYR B 113 20.19 30.80 11.40
C TYR B 113 19.62 29.47 10.91
N VAL B 114 18.31 29.34 11.06
CA VAL B 114 17.69 28.03 10.95
C VAL B 114 16.38 28.07 10.18
N VAL B 115 15.95 26.88 9.75
CA VAL B 115 14.61 26.56 9.33
C VAL B 115 14.09 25.41 10.19
N VAL B 116 12.77 25.25 10.24
CA VAL B 116 12.16 24.29 11.13
C VAL B 116 11.39 23.26 10.30
N HIS B 117 11.68 21.95 10.53
CA HIS B 117 10.91 20.87 9.91
C HIS B 117 9.71 20.54 10.78
N PRO B 118 8.65 19.98 10.17
CA PRO B 118 7.37 19.84 10.85
C PRO B 118 7.12 18.57 11.64
N GLY B 119 8.11 17.68 11.59
CA GLY B 119 7.93 16.38 12.22
C GLY B 119 8.15 16.48 13.72
N TYR B 120 7.04 16.47 14.43
CA TYR B 120 7.01 16.69 15.86
C TYR B 120 6.66 15.39 16.57
N TRP B 121 7.43 15.09 17.61
CA TRP B 121 7.16 13.97 18.50
C TRP B 121 7.95 14.23 19.78
N ASP B 122 7.64 13.46 20.82
CA ASP B 122 8.34 13.54 22.07
C ASP B 122 9.68 12.81 21.96
N PRO B 123 10.84 13.48 21.95
CA PRO B 123 12.14 12.80 21.81
C PRO B 123 12.46 11.82 22.91
N LYS B 124 11.70 11.91 24.03
CA LYS B 124 11.97 11.05 25.17
C LYS B 124 10.97 9.93 25.30
N ALA B 125 9.99 9.82 24.41
CA ALA B 125 9.04 8.71 24.46
C ALA B 125 9.72 7.38 24.13
N PRO B 126 9.31 6.28 24.78
CA PRO B 126 9.88 4.94 24.53
C PRO B 126 9.75 4.49 23.08
N ASP B 127 8.63 4.85 22.44
CA ASP B 127 8.38 4.37 21.09
C ASP B 127 9.24 5.15 20.10
N VAL B 128 9.73 6.32 20.50
CA VAL B 128 10.46 7.18 19.59
C VAL B 128 11.92 6.72 19.51
N VAL B 129 12.45 6.26 20.64
CA VAL B 129 13.86 5.93 20.72
C VAL B 129 14.04 4.45 20.34
N SER B 130 12.95 3.80 19.88
CA SER B 130 12.95 2.38 19.54
C SER B 130 12.28 2.06 18.20
N VAL B 131 10.95 2.37 18.07
CA VAL B 131 10.06 1.75 17.07
C VAL B 131 10.52 2.11 15.66
N ARG B 132 9.71 1.87 14.61
CA ARG B 132 10.23 1.74 13.26
C ARG B 132 10.74 3.08 12.79
N ASP B 133 10.00 4.09 13.20
CA ASP B 133 10.08 5.43 12.63
C ASP B 133 9.42 6.37 13.63
N PRO B 134 10.03 7.54 13.98
CA PRO B 134 9.41 8.41 14.96
C PRO B 134 8.05 8.96 14.53
N MET B 135 7.81 9.06 13.23
CA MET B 135 6.50 9.50 12.76
C MET B 135 5.40 8.46 13.02
N PHE B 136 5.75 7.24 13.45
CA PHE B 136 4.74 6.26 13.82
C PHE B 136 4.47 6.26 15.32
N SER B 137 5.19 7.08 16.07
CA SER B 137 5.03 7.11 17.52
C SER B 137 3.67 7.69 17.89
N ALA B 138 3.24 7.43 19.13
CA ALA B 138 1.97 7.91 19.64
C ALA B 138 1.95 9.44 19.66
N SER B 139 3.13 10.06 19.85
CA SER B 139 3.23 11.51 19.96
C SER B 139 3.44 12.20 18.62
N ALA B 140 3.57 11.47 17.51
CA ALA B 140 3.88 12.06 16.21
C ALA B 140 2.73 12.94 15.72
N GLN B 141 3.11 14.10 15.20
CA GLN B 141 2.12 15.07 14.78
C GLN B 141 2.82 16.17 13.99
N ILE B 142 2.03 17.12 13.49
CA ILE B 142 2.55 18.17 12.61
C ILE B 142 2.66 19.49 13.40
N TRP B 143 3.90 19.95 13.51
CA TRP B 143 4.24 21.19 14.19
C TRP B 143 3.41 22.35 13.65
N GLY B 144 2.82 23.10 14.60
CA GLY B 144 2.08 24.31 14.24
C GLY B 144 0.65 24.09 13.78
N TYR B 145 0.22 22.84 13.62
CA TYR B 145 -1.15 22.46 13.37
C TYR B 145 -1.62 21.71 14.60
N ASN B 146 -1.09 20.50 14.82
CA ASN B 146 -1.44 19.77 16.03
C ASN B 146 -0.83 20.39 17.29
N THR B 147 0.27 21.13 17.13
CA THR B 147 0.93 21.79 18.24
C THR B 147 0.60 23.30 18.22
N ASN B 148 0.77 23.87 19.41
CA ASN B 148 0.76 25.32 19.58
C ASN B 148 2.14 25.86 19.27
N PHE B 149 2.27 27.19 19.43
CA PHE B 149 3.51 27.94 19.34
C PHE B 149 4.25 27.68 18.03
N GLY B 150 3.50 27.79 16.95
CA GLY B 150 4.04 27.75 15.61
C GLY B 150 4.56 29.13 15.14
N SER B 151 4.78 29.23 13.85
CA SER B 151 5.53 30.34 13.26
C SER B 151 4.73 31.63 13.11
N PHE B 152 3.47 31.67 13.55
CA PHE B 152 2.71 32.91 13.49
C PHE B 152 2.87 33.74 14.76
N GLY B 153 3.73 33.33 15.67
CA GLY B 153 4.21 34.18 16.75
C GLY B 153 5.58 34.76 16.46
N GLN B 154 5.96 35.84 17.17
CA GLN B 154 7.30 36.40 16.99
C GLN B 154 8.38 35.40 17.40
N PHE B 155 8.04 34.53 18.37
CA PHE B 155 8.94 33.45 18.77
C PHE B 155 8.10 32.18 18.73
N CYS B 156 8.73 31.10 18.22
CA CYS B 156 8.08 29.77 18.14
C CYS B 156 8.94 28.77 18.89
N LEU B 157 8.26 27.64 19.24
CA LEU B 157 8.92 26.63 20.05
C LEU B 157 8.93 25.31 19.28
N ALA B 158 10.11 24.70 19.26
CA ALA B 158 10.29 23.42 18.56
C ALA B 158 11.26 22.56 19.33
N TYR B 159 11.24 21.27 19.00
CA TYR B 159 12.31 20.41 19.53
C TYR B 159 13.57 20.53 18.69
N GLU B 160 14.72 20.25 19.33
CA GLU B 160 16.00 20.33 18.66
C GLU B 160 16.03 19.60 17.33
N HIS B 161 15.43 18.39 17.30
CA HIS B 161 15.53 17.59 16.10
C HIS B 161 14.85 18.21 14.90
N GLN B 162 13.97 19.23 15.12
CA GLN B 162 13.30 19.90 14.04
C GLN B 162 14.16 21.00 13.38
N ILE B 163 15.28 21.36 13.99
CA ILE B 163 16.05 22.51 13.56
C ILE B 163 17.00 22.08 12.46
N LEU B 164 16.97 22.82 11.36
CA LEU B 164 17.77 22.63 10.18
C LEU B 164 18.59 23.88 9.92
N PRO B 165 19.79 23.78 9.35
CA PRO B 165 20.56 24.99 8.98
C PRO B 165 19.89 25.67 7.78
N LYS B 166 19.74 26.99 7.90
CA LYS B 166 19.16 27.77 6.82
C LYS B 166 20.14 27.92 5.66
N ALA B 167 19.67 27.62 4.45
CA ALA B 167 20.44 27.86 3.24
C ALA B 167 20.94 29.31 3.21
N LYS B 168 22.26 29.45 2.99
CA LYS B 168 22.92 30.75 3.07
C LYS B 168 22.50 31.69 1.94
N HIS B 169 22.22 31.13 0.77
CA HIS B 169 21.91 31.88 -0.44
C HIS B 169 20.46 32.32 -0.53
N LEU B 170 19.62 31.95 0.45
CA LEU B 170 18.19 32.25 0.44
C LEU B 170 17.91 33.39 1.40
N THR B 171 16.92 34.22 1.01
CA THR B 171 16.39 35.22 1.94
C THR B 171 15.56 34.53 3.00
N TRP B 172 15.17 35.27 4.05
CA TRP B 172 14.31 34.70 5.08
C TRP B 172 13.05 34.11 4.48
N GLU B 173 12.39 34.87 3.60
CA GLU B 173 11.11 34.42 3.07
C GLU B 173 11.31 33.20 2.14
N GLU B 174 12.38 33.20 1.33
CA GLU B 174 12.67 32.05 0.48
C GLU B 174 12.86 30.81 1.34
N ALA B 175 13.66 30.95 2.40
CA ALA B 175 13.97 29.81 3.25
C ALA B 175 12.78 29.28 4.03
N ALA B 176 11.83 30.15 4.38
CA ALA B 176 10.62 29.82 5.10
C ALA B 176 9.57 29.11 4.24
N ALA B 177 9.74 29.12 2.92
CA ALA B 177 8.64 28.74 2.05
C ALA B 177 8.44 27.21 1.96
N PRO B 178 9.49 26.36 1.79
CA PRO B 178 9.22 25.01 1.26
C PRO B 178 9.26 23.81 2.20
N THR B 179 9.69 23.97 3.44
CA THR B 179 10.09 22.80 4.20
C THR B 179 8.92 21.86 4.48
N LEU B 180 7.77 22.33 4.90
CA LEU B 180 6.65 21.42 5.21
C LEU B 180 6.34 20.57 3.99
N VAL B 181 6.08 21.21 2.85
CA VAL B 181 5.62 20.48 1.68
C VAL B 181 6.79 19.70 1.06
N GLY B 182 8.01 20.23 1.14
CA GLY B 182 9.17 19.59 0.56
C GLY B 182 9.56 18.32 1.31
N THR B 183 9.60 18.39 2.65
CA THR B 183 9.93 17.21 3.45
C THR B 183 8.81 16.18 3.33
N THR B 184 7.55 16.61 3.23
CA THR B 184 6.44 15.68 3.04
C THR B 184 6.67 14.90 1.73
N ALA B 185 6.99 15.62 0.66
CA ALA B 185 7.24 14.99 -0.64
C ALA B 185 8.48 14.09 -0.60
N TYR B 186 9.51 14.50 0.12
CA TYR B 186 10.75 13.73 0.21
C TYR B 186 10.47 12.38 0.87
N ARG B 187 9.74 12.38 1.98
CA ARG B 187 9.38 11.11 2.63
C ARG B 187 8.58 10.24 1.66
N MET B 188 7.67 10.84 0.93
CA MET B 188 6.84 10.08 -0.02
C MET B 188 7.69 9.36 -1.07
N LEU B 189 8.71 10.07 -1.61
CA LEU B 189 9.50 9.63 -2.76
C LEU B 189 10.70 8.76 -2.37
N HIS B 190 11.21 8.94 -1.15
CA HIS B 190 12.44 8.29 -0.71
C HIS B 190 12.26 7.46 0.56
N GLY B 191 11.10 7.54 1.22
CA GLY B 191 10.96 6.99 2.55
C GLY B 191 10.41 5.57 2.65
N TRP B 192 9.83 5.05 1.57
CA TRP B 192 9.11 3.78 1.64
C TRP B 192 9.89 2.68 0.95
N THR B 193 10.67 1.97 1.76
CA THR B 193 11.56 0.93 1.28
C THR B 193 10.80 -0.02 0.37
N GLY B 194 11.42 -0.32 -0.78
CA GLY B 194 10.81 -1.17 -1.77
C GLY B 194 10.22 -0.37 -2.94
N HIS B 195 9.91 0.92 -2.69
CA HIS B 195 9.30 1.80 -3.68
C HIS B 195 9.81 3.23 -3.48
N THR B 196 11.11 3.40 -3.66
CA THR B 196 11.77 4.68 -3.70
C THR B 196 12.15 5.02 -5.14
N VAL B 197 12.18 6.31 -5.43
CA VAL B 197 12.47 6.77 -6.76
C VAL B 197 13.91 6.38 -7.14
N GLU B 198 13.99 5.75 -8.31
CA GLU B 198 15.24 5.31 -8.92
C GLU B 198 15.40 6.00 -10.28
N LYS B 199 16.65 5.95 -10.77
CA LYS B 199 16.96 6.52 -12.07
C LYS B 199 16.03 5.94 -13.14
N ASP B 200 15.45 6.85 -13.93
CA ASP B 200 14.58 6.58 -15.07
C ASP B 200 13.17 6.15 -14.64
N ASP B 201 12.85 6.15 -13.34
CA ASP B 201 11.49 5.87 -12.96
C ASP B 201 10.60 7.03 -13.37
N VAL B 202 9.43 6.69 -13.91
CA VAL B 202 8.43 7.69 -14.23
C VAL B 202 7.60 7.96 -12.96
N VAL B 203 7.44 9.26 -12.65
CA VAL B 203 6.76 9.70 -11.45
C VAL B 203 5.63 10.63 -11.86
N LEU B 204 4.39 10.21 -11.57
CA LEU B 204 3.21 11.00 -11.87
C LEU B 204 2.92 11.87 -10.66
N VAL B 205 2.89 13.20 -10.89
CA VAL B 205 2.74 14.15 -9.80
C VAL B 205 1.42 14.89 -9.98
N TRP B 206 0.45 14.65 -9.10
CA TRP B 206 -0.79 15.42 -9.11
C TRP B 206 -0.55 16.83 -8.59
N GLY B 207 -1.40 17.77 -9.03
CA GLY B 207 -1.33 19.17 -8.57
C GLY B 207 0.09 19.73 -8.71
N GLY B 208 0.68 19.60 -9.90
CA GLY B 208 2.11 19.81 -10.11
C GLY B 208 2.59 21.23 -9.76
N SER B 209 1.73 22.23 -9.96
CA SER B 209 2.13 23.61 -9.77
C SER B 209 1.92 24.08 -8.32
N GLY B 210 1.29 23.26 -7.48
CA GLY B 210 1.10 23.58 -6.07
C GLY B 210 2.39 23.36 -5.27
N GLY B 211 2.36 23.68 -3.97
CA GLY B 211 3.55 23.65 -3.15
C GLY B 211 4.17 22.26 -3.10
N LEU B 212 3.34 21.27 -2.77
CA LEU B 212 3.77 19.88 -2.68
C LEU B 212 4.28 19.40 -4.04
N GLY B 213 3.49 19.61 -5.08
CA GLY B 213 3.83 19.11 -6.39
C GLY B 213 5.12 19.70 -6.96
N SER B 214 5.33 21.01 -6.78
N SER B 214 5.32 21.00 -6.76
CA SER B 214 6.51 21.66 -7.31
CA SER B 214 6.50 21.69 -7.28
C SER B 214 7.77 21.17 -6.60
C SER B 214 7.78 21.22 -6.58
N GLN B 215 7.69 20.83 -5.31
CA GLN B 215 8.81 20.21 -4.63
C GLN B 215 9.01 18.76 -5.10
N ALA B 216 7.92 18.03 -5.26
CA ALA B 216 8.00 16.64 -5.70
C ALA B 216 8.66 16.54 -7.07
N ILE B 217 8.29 17.41 -8.00
CA ILE B 217 8.89 17.38 -9.33
C ILE B 217 10.41 17.50 -9.25
N GLN B 218 10.87 18.47 -8.47
CA GLN B 218 12.28 18.71 -8.30
C GLN B 218 12.99 17.57 -7.59
N ILE B 219 12.39 17.02 -6.55
CA ILE B 219 12.98 15.91 -5.83
C ILE B 219 13.06 14.70 -6.78
N ALA B 220 11.99 14.42 -7.49
CA ALA B 220 12.05 13.30 -8.44
C ALA B 220 13.16 13.50 -9.46
N ARG B 221 13.25 14.71 -10.03
CA ARG B 221 14.26 14.98 -11.04
C ARG B 221 15.67 14.80 -10.49
N GLU B 222 15.91 15.29 -9.26
CA GLU B 222 17.24 15.20 -8.66
C GLU B 222 17.64 13.74 -8.45
N ALA B 223 16.64 12.85 -8.29
CA ALA B 223 16.87 11.43 -8.11
C ALA B 223 17.03 10.71 -9.44
N GLY B 224 16.92 11.42 -10.55
CA GLY B 224 17.02 10.83 -11.88
C GLY B 224 15.69 10.28 -12.39
N GLY B 225 14.58 10.58 -11.71
CA GLY B 225 13.27 10.24 -12.18
C GLY B 225 12.78 11.16 -13.30
N ILE B 226 11.68 10.74 -13.90
CA ILE B 226 11.08 11.44 -15.03
C ILE B 226 9.70 11.90 -14.59
N PRO B 227 9.55 13.16 -14.12
CA PRO B 227 8.27 13.60 -13.61
C PRO B 227 7.30 14.00 -14.72
N ILE B 228 6.04 13.63 -14.53
CA ILE B 228 4.91 14.04 -15.35
C ILE B 228 3.93 14.75 -14.42
N ALA B 229 3.61 16.00 -14.74
CA ALA B 229 2.79 16.82 -13.87
C ALA B 229 1.36 16.85 -14.38
N VAL B 230 0.40 16.71 -13.45
CA VAL B 230 -0.99 16.98 -13.75
C VAL B 230 -1.31 18.38 -13.23
N VAL B 231 -1.95 19.19 -14.08
CA VAL B 231 -2.12 20.61 -13.84
C VAL B 231 -3.53 21.04 -14.28
N SER B 232 -3.90 22.30 -14.01
CA SER B 232 -5.24 22.78 -14.30
C SER B 232 -5.24 23.83 -15.43
N ASP B 233 -4.06 24.25 -15.93
CA ASP B 233 -3.98 25.13 -17.10
C ASP B 233 -2.59 25.07 -17.71
N ALA B 234 -2.40 25.71 -18.88
CA ALA B 234 -1.20 25.54 -19.70
C ALA B 234 0.02 26.24 -19.06
N ALA B 235 -0.23 27.41 -18.47
CA ALA B 235 0.79 28.17 -17.75
C ALA B 235 1.40 27.34 -16.61
N LYS B 236 0.52 26.72 -15.81
CA LYS B 236 0.94 25.87 -14.71
C LYS B 236 1.73 24.71 -15.30
N GLY B 237 1.31 24.21 -16.45
CA GLY B 237 2.03 23.17 -17.16
C GLY B 237 3.47 23.55 -17.49
N GLU B 238 3.66 24.75 -18.06
CA GLU B 238 4.97 25.19 -18.47
C GLU B 238 5.84 25.49 -17.24
N TYR B 239 5.20 26.01 -16.17
CA TYR B 239 5.87 26.19 -14.89
C TYR B 239 6.44 24.85 -14.43
N CYS B 240 5.64 23.78 -14.53
CA CYS B 240 6.08 22.47 -14.09
C CYS B 240 7.22 21.95 -14.97
N LYS B 241 7.13 22.21 -16.28
CA LYS B 241 8.22 21.85 -17.17
C LYS B 241 9.51 22.57 -16.77
N SER B 242 9.40 23.87 -16.39
CA SER B 242 10.58 24.65 -16.04
C SER B 242 11.25 24.13 -14.76
N LEU B 243 10.51 23.37 -13.94
CA LEU B 243 11.05 22.78 -12.71
C LEU B 243 11.62 21.38 -12.96
N GLY B 244 11.48 20.88 -14.19
CA GLY B 244 12.05 19.59 -14.55
C GLY B 244 11.06 18.53 -14.99
N ALA B 245 9.76 18.85 -15.03
CA ALA B 245 8.80 17.87 -15.54
C ALA B 245 9.00 17.63 -17.03
N LYS B 246 8.94 16.37 -17.47
CA LYS B 246 9.16 16.08 -18.87
C LYS B 246 7.97 16.60 -19.68
N GLY B 247 6.78 16.58 -19.04
CA GLY B 247 5.59 17.14 -19.66
C GLY B 247 4.45 17.27 -18.65
N TYR B 248 3.30 17.74 -19.13
CA TYR B 248 2.16 17.90 -18.24
C TYR B 248 0.89 17.41 -18.90
N ILE B 249 -0.10 17.11 -18.07
CA ILE B 249 -1.40 16.65 -18.50
C ILE B 249 -2.40 17.63 -17.90
N ASP B 250 -3.28 18.16 -18.76
CA ASP B 250 -4.29 19.12 -18.31
C ASP B 250 -5.52 18.35 -17.84
N ARG B 251 -5.82 18.41 -16.54
CA ARG B 251 -6.90 17.61 -15.97
C ARG B 251 -8.26 17.97 -16.58
N ARG B 252 -8.45 19.24 -17.00
CA ARG B 252 -9.75 19.68 -17.48
C ARG B 252 -10.17 18.95 -18.76
N GLU B 253 -9.24 18.24 -19.40
CA GLU B 253 -9.54 17.46 -20.60
C GLU B 253 -10.34 16.19 -20.28
N PHE B 254 -10.61 15.89 -18.99
CA PHE B 254 -11.27 14.65 -18.58
C PHE B 254 -12.44 14.97 -17.67
N ASN B 255 -13.46 14.10 -17.69
CA ASN B 255 -14.70 14.34 -16.96
C ASN B 255 -15.09 13.15 -16.09
N HIS B 256 -14.17 12.19 -15.91
CA HIS B 256 -14.46 10.96 -15.18
C HIS B 256 -14.07 11.10 -13.70
N TRP B 257 -13.50 12.24 -13.32
CA TRP B 257 -13.07 12.45 -11.96
C TRP B 257 -14.21 12.22 -10.98
N GLY B 258 -13.85 11.64 -9.82
CA GLY B 258 -14.80 11.26 -8.80
C GLY B 258 -14.74 9.77 -8.49
N GLN B 259 -15.61 9.36 -7.57
CA GLN B 259 -15.74 7.95 -7.26
C GLN B 259 -16.11 7.26 -8.56
N PRO B 260 -15.52 6.08 -8.84
CA PRO B 260 -15.84 5.32 -10.04
C PRO B 260 -17.16 4.57 -9.85
N PRO B 261 -17.71 4.02 -10.95
CA PRO B 261 -18.83 3.11 -10.89
C PRO B 261 -18.40 1.87 -10.12
N HIS B 262 -19.36 1.22 -9.48
CA HIS B 262 -19.10 -0.07 -8.86
C HIS B 262 -18.58 -1.02 -9.93
N TRP B 263 -17.80 -1.99 -9.49
CA TRP B 263 -17.20 -2.93 -10.43
C TRP B 263 -18.24 -3.75 -11.21
N THR B 264 -19.44 -3.94 -10.64
CA THR B 264 -20.51 -4.68 -11.28
C THR B 264 -21.30 -3.83 -12.28
N ASP B 265 -21.04 -2.52 -12.34
CA ASP B 265 -21.74 -1.64 -13.27
C ASP B 265 -20.99 -1.65 -14.61
N ASP B 266 -21.35 -2.57 -15.50
CA ASP B 266 -20.61 -2.77 -16.74
C ASP B 266 -20.63 -1.53 -17.65
N ALA B 267 -21.79 -0.89 -17.80
CA ALA B 267 -21.93 0.24 -18.70
C ALA B 267 -21.06 1.39 -18.21
N GLY B 268 -21.18 1.68 -16.90
CA GLY B 268 -20.42 2.75 -16.27
C GLY B 268 -18.91 2.49 -16.34
N GLN B 269 -18.54 1.22 -16.13
CA GLN B 269 -17.14 0.83 -16.17
C GLN B 269 -16.58 1.03 -17.58
N LYS B 270 -17.36 0.75 -18.63
CA LYS B 270 -16.88 0.93 -19.99
C LYS B 270 -16.55 2.40 -20.23
N VAL B 271 -17.44 3.30 -19.83
CA VAL B 271 -17.21 4.73 -20.04
C VAL B 271 -16.04 5.22 -19.20
N TRP B 272 -15.95 4.76 -17.95
CA TRP B 272 -14.91 5.21 -17.04
C TRP B 272 -13.54 4.79 -17.58
N THR B 273 -13.43 3.52 -18.01
CA THR B 273 -12.15 2.96 -18.45
C THR B 273 -11.64 3.65 -19.73
N ALA B 274 -12.52 4.06 -20.64
CA ALA B 274 -12.09 4.76 -21.85
C ALA B 274 -11.42 6.10 -21.51
N GLN B 275 -11.97 6.82 -20.52
CA GLN B 275 -11.38 8.04 -19.98
C GLN B 275 -10.02 7.77 -19.33
N ALA B 276 -9.94 6.77 -18.46
CA ALA B 276 -8.70 6.43 -17.78
C ALA B 276 -7.61 6.04 -18.77
N ARG B 277 -7.95 5.23 -19.78
CA ARG B 277 -6.99 4.84 -20.80
C ARG B 277 -6.44 6.05 -21.55
N ALA B 278 -7.34 6.98 -21.91
CA ALA B 278 -6.93 8.20 -22.59
C ALA B 278 -5.94 8.99 -21.73
N PHE B 279 -6.20 9.07 -20.42
CA PHE B 279 -5.26 9.72 -19.51
C PHE B 279 -3.91 8.99 -19.51
N GLY B 280 -3.95 7.66 -19.37
CA GLY B 280 -2.72 6.87 -19.43
C GLY B 280 -1.95 7.07 -20.74
N LYS B 281 -2.66 7.20 -21.86
CA LYS B 281 -2.04 7.36 -23.16
C LYS B 281 -1.29 8.70 -23.24
N LYS B 282 -1.79 9.73 -22.56
CA LYS B 282 -1.10 11.01 -22.56
C LYS B 282 0.25 10.87 -21.86
N ILE B 283 0.34 9.99 -20.84
CA ILE B 283 1.61 9.71 -20.20
C ILE B 283 2.57 9.14 -21.23
N TRP B 284 2.09 8.12 -21.95
CA TRP B 284 2.88 7.47 -22.97
C TRP B 284 3.34 8.45 -24.04
N ASP B 285 2.47 9.40 -24.40
CA ASP B 285 2.75 10.38 -25.44
C ASP B 285 3.90 11.30 -25.00
N ILE B 286 3.87 11.75 -23.76
CA ILE B 286 4.93 12.57 -23.20
C ILE B 286 6.26 11.80 -23.17
N LEU B 287 6.24 10.50 -22.81
CA LEU B 287 7.48 9.75 -22.66
C LEU B 287 8.04 9.37 -24.03
N GLY B 288 7.18 9.25 -25.05
CA GLY B 288 7.56 8.69 -26.34
C GLY B 288 7.69 7.16 -26.25
N GLU B 289 7.13 6.54 -25.20
CA GLU B 289 7.15 5.09 -25.09
C GLU B 289 6.07 4.64 -24.09
N ARG B 290 5.67 3.37 -24.21
CA ARG B 290 4.60 2.79 -23.43
C ARG B 290 5.17 2.35 -22.08
N ARG B 291 5.37 3.30 -21.16
CA ARG B 291 5.78 2.99 -19.81
C ARG B 291 4.80 3.64 -18.86
N ASN B 292 4.54 2.99 -17.73
CA ASN B 292 3.60 3.47 -16.74
C ASN B 292 4.40 4.03 -15.57
N PRO B 293 3.79 4.96 -14.79
CA PRO B 293 4.49 5.53 -13.65
C PRO B 293 4.71 4.47 -12.58
N ARG B 294 5.96 4.34 -12.13
CA ARG B 294 6.27 3.43 -11.03
C ARG B 294 5.80 4.02 -9.70
N ILE B 295 5.85 5.36 -9.60
CA ILE B 295 5.42 6.08 -8.40
C ILE B 295 4.43 7.16 -8.81
N VAL B 296 3.33 7.20 -8.08
CA VAL B 296 2.30 8.24 -8.26
C VAL B 296 2.20 8.99 -6.95
N LEU B 297 2.45 10.32 -7.02
CA LEU B 297 2.40 11.19 -5.87
C LEU B 297 1.01 11.81 -5.77
N GLU B 298 0.22 11.23 -4.87
CA GLU B 298 -1.17 11.52 -4.64
C GLU B 298 -1.36 12.52 -3.49
N HIS B 299 -2.58 13.05 -3.47
CA HIS B 299 -3.02 14.02 -2.49
C HIS B 299 -4.44 14.49 -2.81
N PRO B 300 -4.91 14.58 -4.08
CA PRO B 300 -6.32 14.86 -4.27
C PRO B 300 -7.26 13.85 -3.67
N GLY B 301 -6.87 12.56 -3.68
CA GLY B 301 -7.65 11.58 -2.95
C GLY B 301 -8.82 11.04 -3.76
N GLU B 302 -10.04 11.23 -3.21
CA GLU B 302 -11.26 10.57 -3.69
C GLU B 302 -11.43 10.69 -5.21
N ASP B 303 -11.21 11.87 -5.80
CA ASP B 303 -11.57 12.07 -7.19
C ASP B 303 -10.54 11.52 -8.17
N THR B 304 -9.29 11.32 -7.72
CA THR B 304 -8.18 10.97 -8.59
C THR B 304 -7.65 9.56 -8.31
N ILE B 305 -7.87 9.04 -7.10
CA ILE B 305 -7.30 7.74 -6.73
C ILE B 305 -7.64 6.68 -7.77
N PRO B 306 -8.89 6.61 -8.29
CA PRO B 306 -9.17 5.58 -9.27
C PRO B 306 -8.29 5.62 -10.52
N THR B 307 -7.97 6.83 -11.00
CA THR B 307 -7.07 7.00 -12.12
C THR B 307 -5.64 6.61 -11.72
N SER B 308 -5.21 7.00 -10.50
CA SER B 308 -3.89 6.71 -9.96
C SER B 308 -3.67 5.20 -9.90
N ILE B 309 -4.62 4.50 -9.30
CA ILE B 309 -4.55 3.05 -9.17
C ILE B 309 -4.44 2.40 -10.55
N PHE B 310 -5.30 2.80 -11.47
CA PHE B 310 -5.31 2.27 -12.84
C PHE B 310 -3.98 2.49 -13.56
N CYS B 311 -3.43 3.71 -13.52
CA CYS B 311 -2.24 4.05 -14.31
C CYS B 311 -0.94 3.53 -13.69
N CYS B 312 -0.91 3.37 -12.37
CA CYS B 312 0.26 2.92 -11.66
C CYS B 312 0.78 1.63 -12.30
N ASP B 313 2.10 1.53 -12.47
CA ASP B 313 2.64 0.32 -13.06
C ASP B 313 2.45 -0.89 -12.13
N THR B 314 2.49 -2.08 -12.77
CA THR B 314 2.61 -3.31 -12.03
C THR B 314 3.75 -3.17 -11.05
N GLY B 315 3.49 -3.58 -9.80
CA GLY B 315 4.53 -3.56 -8.77
C GLY B 315 4.91 -2.15 -8.33
N GLY B 316 4.07 -1.14 -8.71
CA GLY B 316 4.38 0.23 -8.39
C GLY B 316 3.69 0.70 -7.11
N MET B 317 3.85 2.01 -6.81
CA MET B 317 3.29 2.60 -5.61
C MET B 317 2.59 3.93 -5.90
N VAL B 318 1.36 4.01 -5.39
CA VAL B 318 0.61 5.25 -5.24
C VAL B 318 0.78 5.67 -3.79
N VAL B 319 1.44 6.82 -3.55
CA VAL B 319 1.71 7.28 -2.20
C VAL B 319 0.92 8.58 -2.00
N ILE B 320 0.26 8.68 -0.84
CA ILE B 320 -0.76 9.72 -0.64
C ILE B 320 -0.66 10.35 0.72
N CYS B 321 -0.71 11.70 0.74
CA CYS B 321 -0.51 12.48 1.95
C CYS B 321 -1.63 13.46 2.24
N ALA B 322 -2.79 13.27 1.64
CA ALA B 322 -3.96 14.09 1.88
C ALA B 322 -5.17 13.48 1.18
N GLY B 323 -6.31 14.14 1.27
CA GLY B 323 -7.48 13.82 0.49
C GLY B 323 -8.29 15.08 0.23
N THR B 324 -7.71 15.95 -0.61
CA THR B 324 -8.21 17.33 -0.76
C THR B 324 -9.59 17.36 -1.43
N THR B 325 -9.90 16.31 -2.22
CA THR B 325 -11.18 16.15 -2.90
C THR B 325 -12.13 15.24 -2.11
N GLY B 326 -11.66 14.65 -1.00
CA GLY B 326 -12.47 13.76 -0.20
C GLY B 326 -11.69 12.49 0.15
N TYR B 327 -12.26 11.70 1.07
CA TYR B 327 -11.50 10.65 1.76
C TYR B 327 -11.98 9.25 1.40
N SER B 328 -13.04 9.14 0.60
CA SER B 328 -13.59 7.81 0.33
C SER B 328 -12.97 7.32 -0.98
N ALA B 329 -11.79 6.71 -0.86
CA ALA B 329 -10.99 6.38 -2.02
C ALA B 329 -11.28 4.95 -2.47
N VAL B 330 -11.81 4.81 -3.69
CA VAL B 330 -12.16 3.49 -4.23
C VAL B 330 -10.99 2.86 -4.98
N VAL B 331 -10.54 1.70 -4.46
CA VAL B 331 -9.45 0.94 -5.04
C VAL B 331 -10.06 -0.29 -5.72
N ASP B 332 -9.93 -0.33 -7.06
CA ASP B 332 -10.41 -1.49 -7.81
C ASP B 332 -9.40 -2.62 -7.70
N LEU B 333 -9.79 -3.66 -6.97
CA LEU B 333 -8.87 -4.74 -6.66
C LEU B 333 -8.46 -5.54 -7.90
N ARG B 334 -9.24 -5.44 -8.98
CA ARG B 334 -8.84 -6.16 -10.20
C ARG B 334 -7.55 -5.59 -10.79
N TYR B 335 -7.26 -4.31 -10.53
CA TYR B 335 -5.96 -3.75 -10.83
C TYR B 335 -4.98 -3.91 -9.67
N HIS B 336 -5.43 -3.57 -8.47
CA HIS B 336 -4.55 -3.40 -7.34
C HIS B 336 -3.98 -4.73 -6.88
N TRP B 337 -4.83 -5.76 -6.81
CA TRP B 337 -4.35 -7.07 -6.41
C TRP B 337 -3.63 -7.77 -7.58
N VAL B 338 -4.24 -7.89 -8.77
CA VAL B 338 -3.68 -8.73 -9.82
C VAL B 338 -2.33 -8.21 -10.27
N ARG B 339 -2.18 -6.86 -10.35
CA ARG B 339 -0.92 -6.27 -10.79
C ARG B 339 -0.09 -5.75 -9.61
N GLN B 340 -0.45 -6.18 -8.39
CA GLN B 340 0.40 -6.14 -7.21
C GLN B 340 0.92 -4.72 -6.95
N LYS B 341 -0.04 -3.83 -6.80
CA LYS B 341 0.28 -2.42 -6.60
C LYS B 341 0.22 -2.08 -5.12
N ARG B 342 0.83 -0.91 -4.77
CA ARG B 342 0.92 -0.50 -3.38
C ARG B 342 0.20 0.85 -3.25
N LEU B 343 -0.69 0.99 -2.26
CA LEU B 343 -1.27 2.29 -1.92
C LEU B 343 -0.75 2.61 -0.54
N GLN B 344 0.11 3.62 -0.45
CA GLN B 344 0.87 3.93 0.78
C GLN B 344 0.43 5.28 1.31
N GLY B 345 -0.06 5.30 2.55
CA GLY B 345 -0.23 6.57 3.23
C GLY B 345 1.12 7.10 3.72
N SER B 346 1.26 8.44 3.73
CA SER B 346 2.49 9.07 4.15
C SER B 346 2.13 10.42 4.76
N HIS B 347 2.79 10.77 5.84
CA HIS B 347 2.47 11.99 6.55
C HIS B 347 3.71 12.52 7.23
N GLY B 348 3.89 13.86 7.25
CA GLY B 348 5.04 14.40 7.94
C GLY B 348 6.37 13.90 7.34
N THR B 349 7.38 13.85 8.23
CA THR B 349 8.75 13.57 7.88
C THR B 349 9.45 13.09 9.14
N ASN B 350 10.45 12.20 8.98
CA ASN B 350 11.38 12.00 10.08
C ASN B 350 12.58 12.94 9.89
N THR B 351 13.50 12.92 10.84
CA THR B 351 14.63 13.85 10.84
C THR B 351 15.63 13.55 9.73
N GLU B 352 15.93 12.27 9.49
CA GLU B 352 16.85 11.91 8.43
C GLU B 352 16.33 12.43 7.08
N GLN B 353 15.04 12.22 6.83
CA GLN B 353 14.40 12.67 5.60
C GLN B 353 14.42 14.19 5.50
N ALA B 354 14.13 14.85 6.63
CA ALA B 354 14.12 16.31 6.57
C ALA B 354 15.48 16.90 6.24
N ARG B 355 16.52 16.32 6.86
CA ARG B 355 17.88 16.74 6.63
C ARG B 355 18.29 16.50 5.19
N ALA B 356 17.92 15.33 4.63
CA ALA B 356 18.26 15.05 3.24
C ALA B 356 17.57 16.01 2.28
N TYR B 357 16.31 16.33 2.57
CA TYR B 357 15.61 17.33 1.78
C TYR B 357 16.31 18.69 1.91
N ASN B 358 16.58 19.09 3.14
CA ASN B 358 17.18 20.39 3.36
C ASN B 358 18.56 20.50 2.72
N ASP B 359 19.31 19.39 2.66
CA ASP B 359 20.60 19.39 1.98
C ASP B 359 20.46 19.72 0.50
N LEU B 360 19.37 19.30 -0.14
CA LEU B 360 19.11 19.66 -1.54
C LEU B 360 18.88 21.18 -1.67
N VAL B 361 18.13 21.76 -0.72
CA VAL B 361 17.90 23.20 -0.70
C VAL B 361 19.22 23.92 -0.45
N TYR B 362 19.97 23.48 0.55
CA TYR B 362 21.18 24.16 0.99
C TYR B 362 22.24 24.21 -0.11
N SER B 363 22.31 23.13 -0.91
CA SER B 363 23.27 23.01 -1.98
C SER B 363 22.86 23.75 -3.25
N GLY B 364 21.63 24.28 -3.28
CA GLY B 364 21.12 25.01 -4.43
C GLY B 364 20.58 24.10 -5.54
N ARG B 365 20.23 22.85 -5.19
CA ARG B 365 19.70 21.90 -6.17
C ARG B 365 18.19 22.07 -6.38
N ILE B 366 17.52 22.59 -5.35
CA ILE B 366 16.07 22.72 -5.24
C ILE B 366 15.75 24.19 -5.10
N ASP B 367 14.75 24.64 -5.87
CA ASP B 367 14.20 26.00 -5.76
C ASP B 367 13.06 25.99 -4.75
N PRO B 368 13.02 26.94 -3.79
CA PRO B 368 11.94 26.97 -2.80
C PRO B 368 10.59 27.43 -3.33
N CYS B 369 10.54 27.93 -4.56
CA CYS B 369 9.29 28.29 -5.24
C CYS B 369 8.49 29.28 -4.42
N LEU B 370 9.14 30.36 -3.97
CA LEU B 370 8.44 31.44 -3.30
C LEU B 370 7.63 32.23 -4.30
N GLY B 371 6.32 32.25 -4.08
CA GLY B 371 5.44 32.93 -5.02
C GLY B 371 5.11 34.37 -4.69
N GLU B 372 5.11 34.73 -3.42
CA GLU B 372 4.25 35.78 -2.88
C GLU B 372 4.60 36.00 -1.40
N VAL B 373 4.84 37.29 -1.04
CA VAL B 373 5.21 37.67 0.34
C VAL B 373 4.22 38.69 0.85
N ARG B 374 3.69 38.42 2.04
CA ARG B 374 2.70 39.27 2.67
C ARG B 374 3.18 39.74 4.04
N SER B 375 2.49 40.72 4.62
N SER B 375 2.46 40.71 4.59
CA SER B 375 2.82 41.19 5.94
CA SER B 375 2.74 41.25 5.91
C SER B 375 2.23 40.27 7.01
C SER B 375 2.19 40.33 7.01
N PHE B 376 2.86 40.28 8.17
CA PHE B 376 2.29 39.67 9.35
C PHE B 376 0.86 40.07 9.62
N LEU B 377 0.56 41.35 9.38
CA LEU B 377 -0.78 41.88 9.63
C LEU B 377 -1.86 41.17 8.80
N ASP B 378 -1.45 40.60 7.66
CA ASP B 378 -2.36 40.04 6.67
C ASP B 378 -2.51 38.52 6.74
N VAL B 379 -2.18 37.87 7.86
CA VAL B 379 -2.32 36.41 7.93
C VAL B 379 -3.77 36.00 7.64
N GLY B 380 -4.76 36.67 8.24
CA GLY B 380 -6.13 36.25 8.02
C GLY B 380 -6.55 36.41 6.56
N LYS B 381 -6.29 37.59 5.98
CA LYS B 381 -6.64 37.85 4.60
C LYS B 381 -5.89 36.91 3.66
N ALA B 382 -4.63 36.60 3.99
CA ALA B 382 -3.83 35.75 3.11
C ALA B 382 -4.39 34.33 3.10
N HIS B 383 -4.83 33.81 4.24
CA HIS B 383 -5.48 32.52 4.26
C HIS B 383 -6.89 32.57 3.67
N GLN B 384 -7.59 33.70 3.82
CA GLN B 384 -8.86 33.89 3.11
C GLN B 384 -8.63 33.79 1.61
N ASP B 385 -7.58 34.45 1.11
CA ASP B 385 -7.19 34.39 -0.29
C ASP B 385 -6.87 32.95 -0.69
N MET B 386 -6.15 32.26 0.19
CA MET B 386 -5.78 30.88 -0.07
C MET B 386 -7.04 30.03 -0.25
N MET B 387 -7.95 30.10 0.72
CA MET B 387 -9.20 29.35 0.71
C MET B 387 -10.02 29.68 -0.55
N GLU B 388 -9.94 30.93 -1.04
CA GLU B 388 -10.71 31.39 -2.19
C GLU B 388 -9.90 31.23 -3.50
N GLY B 389 -8.78 30.51 -3.44
CA GLY B 389 -7.99 30.15 -4.62
C GLY B 389 -7.25 31.33 -5.27
N LYS B 390 -6.88 32.35 -4.49
CA LYS B 390 -6.50 33.63 -5.05
C LYS B 390 -5.03 33.97 -4.84
N LEU B 391 -4.24 33.04 -4.28
CA LEU B 391 -2.83 33.32 -4.05
C LEU B 391 -2.07 33.16 -5.38
N ALA B 392 -1.10 34.05 -5.58
CA ALA B 392 -0.20 33.91 -6.71
C ALA B 392 0.38 32.51 -6.65
N HIS B 393 0.62 31.93 -7.83
CA HIS B 393 1.42 30.73 -7.97
C HIS B 393 2.65 30.84 -7.07
N GLY B 394 3.03 29.73 -6.44
CA GLY B 394 4.16 29.69 -5.55
C GLY B 394 3.72 29.56 -4.09
N ASN B 395 4.61 28.96 -3.25
CA ASN B 395 4.48 28.94 -1.80
C ASN B 395 4.41 30.39 -1.32
N THR B 396 3.50 30.67 -0.39
CA THR B 396 3.32 32.02 0.14
C THR B 396 3.97 32.10 1.51
N CYS B 397 4.52 33.31 1.83
CA CYS B 397 5.15 33.54 3.10
C CYS B 397 4.74 34.90 3.66
N ILE B 398 4.86 35.04 4.98
CA ILE B 398 4.76 36.35 5.65
C ILE B 398 6.08 36.72 6.27
N LEU B 399 6.37 38.01 6.31
CA LEU B 399 7.46 38.51 7.14
C LEU B 399 6.95 38.63 8.58
N VAL B 400 7.84 38.34 9.54
CA VAL B 400 7.56 38.44 10.94
C VAL B 400 8.65 39.33 11.54
N GLY B 401 9.78 38.77 11.92
CA GLY B 401 10.87 39.55 12.48
C GLY B 401 11.67 40.30 11.42
N ALA B 402 11.60 39.84 10.15
CA ALA B 402 12.34 40.53 9.09
C ALA B 402 11.77 41.93 8.89
N ALA B 403 12.64 42.96 8.84
CA ALA B 403 12.18 44.35 8.77
C ALA B 403 11.70 44.71 7.38
N ALA B 404 12.19 43.97 6.38
CA ALA B 404 11.87 44.23 4.99
C ALA B 404 12.07 42.94 4.20
N LYS B 405 11.66 42.97 2.93
CA LYS B 405 11.88 41.88 2.01
C LYS B 405 13.37 41.80 1.66
N SER B 406 13.76 40.58 1.24
CA SER B 406 15.04 40.28 0.61
C SER B 406 16.24 40.35 1.56
N LEU B 407 15.99 40.22 2.86
CA LEU B 407 17.06 40.13 3.86
C LEU B 407 17.39 38.67 4.16
N GLY B 408 18.49 38.49 4.89
CA GLY B 408 18.79 37.20 5.49
C GLY B 408 19.83 36.37 4.74
N LYS B 409 20.27 36.76 3.54
CA LYS B 409 21.30 35.99 2.86
C LYS B 409 22.65 36.15 3.57
N GLN B 410 23.47 35.10 3.56
CA GLN B 410 24.77 35.14 4.25
C GLN B 410 25.94 35.04 3.25
#